data_6UFN
#
_entry.id   6UFN
#
_cell.length_a   80.547
_cell.length_b   80.547
_cell.length_c   246.201
_cell.angle_alpha   90.000
_cell.angle_beta   90.000
_cell.angle_gamma   120.000
#
_symmetry.space_group_name_H-M   'P 31 2 1'
#
loop_
_entity.id
_entity.type
_entity.pdbx_description
1 polymer 'Polyamine deacetylase HDAC10'
2 non-polymer 7-[(3-aminopropyl)amino]heptane-2,2-diol
3 non-polymer 'ZINC ION'
4 non-polymer 'PHOSPHATE ION'
5 non-polymer 'POTASSIUM ION'
6 water water
#
_entity_poly.entity_id   1
_entity_poly.type   'polypeptide(L)'
_entity_poly.pdbx_seq_one_letter_code
;AASGSALIFDEEMSRYKLLWTDPACEIEVPERLTVSYEALRTHGLAQRCKAVPVRQATEQEILLAHSEEYLEAVKQTPGM
NVEELMAFSKKYNDVYFHQNIYHCAKLAAGATLQLVDSVMKREVRNGMALVRPPGHHSQRSAANGFCVFNNVAFAALYAK
KNYNLNRILIVDWDVHHGQGIQYCFEEDPSVLYFSWHRYEHQSFWPNLPESDYSSVGKGKGSGFNINLPWNKVGMTNSDY
LAAFFHVLLPVAYEFDPELVIVSAGFDSAIGDPEGEMCALPEIFAHLTHLLMPLAAGKMCVVLEGGYNLTSLGQSVCQTV
HSLLGDPTPRISGLGTACDSALESIQNVRNVQSSYWSSFKHLAQSETNPKRPRLDATNGGPKESSEPASESNPKKTAQDI
VWPEPLKRMPASVRTVVVPPPGVELTLPKNCQHSGDISESTAKEVQRIRDKHFHDLTDQNILRSLGNIISVLDRMMRSDE
VCNGCVVVSDLSVSVQCALQHALTEPAERVLVVYVGDGELPVKTNDGKVFLVQICTKETEDKCVNRLTLCLREGESLTAG
FMQALLGLILPVAYEFNPALVLGIVEETAAKTRLMRVWGHMTCLIQGLARGRMLTLLQGYDKDLLELTVSALSGASISPL
GPLRAPKPEDVEMMEKQRQRLQERWGLLRCTVSESW
;
_entity_poly.pdbx_strand_id   A
#
# COMPACT_ATOMS: atom_id res chain seq x y z
N ALA A 1 11.90 12.19 11.56
CA ALA A 1 12.41 11.95 12.91
C ALA A 1 11.44 11.08 13.71
N ALA A 2 10.23 10.89 13.17
CA ALA A 2 9.24 10.06 13.83
C ALA A 2 9.51 8.58 13.55
N SER A 3 9.29 7.75 14.56
CA SER A 3 9.54 6.32 14.44
C SER A 3 8.60 5.57 15.38
N GLY A 4 8.33 4.31 15.04
CA GLY A 4 7.46 3.48 15.83
C GLY A 4 6.02 3.49 15.34
N SER A 5 5.27 2.50 15.79
CA SER A 5 3.87 2.34 15.42
C SER A 5 3.02 2.24 16.67
N ALA A 6 1.89 2.94 16.67
CA ALA A 6 0.98 2.95 17.81
C ALA A 6 -0.10 1.90 17.62
N LEU A 7 -0.36 1.14 18.69
CA LEU A 7 -1.45 0.16 18.71
C LEU A 7 -2.41 0.60 19.80
N ILE A 8 -3.51 1.24 19.40
CA ILE A 8 -4.51 1.72 20.35
C ILE A 8 -5.58 0.64 20.50
N PHE A 9 -5.74 0.14 21.72
CA PHE A 9 -6.71 -0.91 21.99
CA PHE A 9 -6.67 -0.94 22.01
C PHE A 9 -7.12 -0.84 23.45
N ASP A 10 -8.33 -1.33 23.72
CA ASP A 10 -8.82 -1.42 25.10
C ASP A 10 -9.93 -2.46 25.13
N GLU A 11 -9.81 -3.44 26.02
CA GLU A 11 -10.77 -4.53 26.08
C GLU A 11 -12.15 -4.09 26.57
N GLU A 12 -12.30 -2.83 26.98
CA GLU A 12 -13.62 -2.33 27.33
C GLU A 12 -14.55 -2.31 26.13
N MET A 13 -14.01 -2.06 24.93
CA MET A 13 -14.81 -2.02 23.72
C MET A 13 -15.35 -3.39 23.31
N SER A 14 -15.05 -4.45 24.07
CA SER A 14 -15.63 -5.76 23.83
C SER A 14 -16.70 -6.10 24.87
N ARG A 15 -17.11 -5.13 25.68
CA ARG A 15 -18.10 -5.36 26.73
C ARG A 15 -19.49 -4.88 26.32
N TYR A 16 -19.85 -5.06 25.06
CA TYR A 16 -21.21 -4.88 24.59
C TYR A 16 -21.46 -5.91 23.51
N LYS A 17 -22.68 -6.45 23.47
CA LYS A 17 -22.99 -7.50 22.51
C LYS A 17 -24.48 -7.52 22.23
N LEU A 18 -24.85 -8.21 21.15
CA LEU A 18 -26.24 -8.35 20.77
C LEU A 18 -27.01 -9.19 21.79
N LEU A 19 -28.15 -8.67 22.24
CA LEU A 19 -28.90 -9.27 23.33
C LEU A 19 -30.18 -9.98 22.88
N TRP A 20 -30.49 -9.97 21.58
CA TRP A 20 -31.65 -10.68 21.07
C TRP A 20 -31.28 -11.35 19.76
N THR A 21 -32.12 -12.29 19.33
CA THR A 21 -31.87 -12.96 18.05
C THR A 21 -32.12 -12.00 16.90
N ASP A 22 -31.14 -11.87 16.01
CA ASP A 22 -31.21 -11.02 14.84
C ASP A 22 -30.21 -11.51 13.81
N PRO A 23 -30.66 -12.29 12.82
CA PRO A 23 -29.72 -12.88 11.86
C PRO A 23 -28.87 -11.85 11.11
N ALA A 24 -29.29 -10.59 11.06
CA ALA A 24 -28.53 -9.57 10.35
C ALA A 24 -27.34 -9.08 11.16
N CYS A 25 -27.39 -9.18 12.48
CA CYS A 25 -26.35 -8.62 13.35
C CYS A 25 -25.58 -9.69 14.12
N GLU A 26 -25.89 -10.96 13.95
CA GLU A 26 -25.25 -12.02 14.74
C GLU A 26 -23.74 -12.08 14.52
N ILE A 27 -23.23 -11.53 13.42
CA ILE A 27 -21.81 -11.68 13.10
C ILE A 27 -20.93 -10.65 13.79
N GLU A 28 -21.51 -9.56 14.31
CA GLU A 28 -20.74 -8.49 14.95
C GLU A 28 -20.61 -8.84 16.43
N VAL A 29 -19.52 -9.53 16.76
CA VAL A 29 -19.35 -10.09 18.10
C VAL A 29 -18.14 -9.42 18.75
N PRO A 30 -18.08 -9.39 20.08
CA PRO A 30 -16.89 -8.87 20.75
C PRO A 30 -15.64 -9.68 20.49
N GLU A 31 -15.79 -10.96 20.10
CA GLU A 31 -14.63 -11.80 19.86
C GLU A 31 -13.77 -11.30 18.71
N ARG A 32 -14.32 -10.46 17.83
CA ARG A 32 -13.51 -9.87 16.77
C ARG A 32 -12.38 -9.05 17.35
N LEU A 33 -12.63 -8.36 18.47
CA LEU A 33 -11.59 -7.56 19.10
C LEU A 33 -10.57 -8.44 19.83
N THR A 34 -11.06 -9.41 20.60
CA THR A 34 -10.16 -10.23 21.40
C THR A 34 -9.30 -11.14 20.53
N VAL A 35 -9.88 -11.67 19.45
CA VAL A 35 -9.10 -12.53 18.55
C VAL A 35 -8.03 -11.70 17.83
N SER A 36 -8.35 -10.45 17.46
CA SER A 36 -7.41 -9.63 16.74
C SER A 36 -6.20 -9.27 17.61
N TYR A 37 -6.45 -8.81 18.83
CA TYR A 37 -5.35 -8.43 19.70
C TYR A 37 -4.53 -9.65 20.13
N GLU A 38 -5.20 -10.77 20.43
CA GLU A 38 -4.47 -11.97 20.83
C GLU A 38 -3.59 -12.49 19.69
N ALA A 39 -4.05 -12.35 18.45
CA ALA A 39 -3.23 -12.74 17.31
C ALA A 39 -1.99 -11.86 17.22
N LEU A 40 -2.14 -10.56 17.46
CA LEU A 40 -0.99 -9.67 17.48
C LEU A 40 -0.05 -10.01 18.63
N ARG A 41 -0.59 -10.46 19.76
CA ARG A 41 0.25 -10.88 20.87
C ARG A 41 1.00 -12.17 20.53
N THR A 42 0.34 -13.10 19.84
CA THR A 42 0.97 -14.37 19.51
C THR A 42 2.14 -14.18 18.56
N HIS A 43 2.02 -13.25 17.62
CA HIS A 43 3.06 -13.01 16.62
C HIS A 43 4.06 -11.95 17.05
N GLY A 44 4.01 -11.51 18.30
CA GLY A 44 4.98 -10.55 18.82
C GLY A 44 4.87 -9.14 18.28
N LEU A 45 3.77 -8.81 17.61
CA LEU A 45 3.63 -7.49 17.00
C LEU A 45 3.13 -6.44 18.00
N ALA A 46 2.25 -6.82 18.92
CA ALA A 46 1.76 -5.86 19.90
C ALA A 46 2.89 -5.36 20.80
N GLN A 47 3.81 -6.26 21.17
CA GLN A 47 4.92 -5.90 22.04
C GLN A 47 5.86 -4.88 21.38
N ARG A 48 5.87 -4.81 20.06
CA ARG A 48 6.71 -3.87 19.34
C ARG A 48 6.01 -2.55 19.04
N CYS A 49 4.77 -2.39 19.49
CA CYS A 49 4.00 -1.18 19.22
C CYS A 49 3.82 -0.36 20.49
N LYS A 50 3.83 0.96 20.33
CA LYS A 50 3.56 1.86 21.44
C LYS A 50 2.07 1.82 21.79
N ALA A 51 1.76 1.37 23.01
CA ALA A 51 0.37 1.19 23.44
C ALA A 51 -0.18 2.52 23.92
N VAL A 52 -0.63 3.33 22.97
CA VAL A 52 -1.23 4.63 23.29
C VAL A 52 -2.61 4.39 23.90
N PRO A 53 -2.94 5.04 25.01
CA PRO A 53 -4.20 4.72 25.71
C PRO A 53 -5.43 5.22 24.95
N VAL A 54 -6.57 4.70 25.38
CA VAL A 54 -7.87 5.05 24.83
C VAL A 54 -8.46 6.18 25.66
N ARG A 55 -9.16 7.10 25.00
CA ARG A 55 -9.90 8.16 25.68
C ARG A 55 -11.30 8.26 25.09
N GLN A 56 -12.15 9.02 25.77
CA GLN A 56 -13.50 9.28 25.30
C GLN A 56 -13.51 10.52 24.43
N ALA A 57 -14.17 10.43 23.28
CA ALA A 57 -14.38 11.61 22.45
C ALA A 57 -15.38 12.53 23.14
N THR A 58 -15.04 13.81 23.25
CA THR A 58 -15.90 14.77 23.91
C THR A 58 -17.15 15.04 23.07
N GLU A 59 -18.14 15.68 23.70
CA GLU A 59 -19.37 16.02 22.99
C GLU A 59 -19.09 16.97 21.83
N GLN A 60 -18.22 17.96 22.04
CA GLN A 60 -17.89 18.88 20.96
C GLN A 60 -17.20 18.18 19.80
N GLU A 61 -16.49 17.09 20.08
CA GLU A 61 -15.86 16.32 19.01
C GLU A 61 -16.87 15.45 18.27
N ILE A 62 -17.88 14.93 18.99
CA ILE A 62 -18.92 14.15 18.33
C ILE A 62 -19.75 15.04 17.42
N LEU A 63 -20.01 16.28 17.84
CA LEU A 63 -20.80 17.21 17.04
C LEU A 63 -20.10 17.62 15.74
N LEU A 64 -18.83 17.28 15.57
CA LEU A 64 -18.14 17.57 14.32
C LEU A 64 -18.79 16.89 13.14
N ALA A 65 -19.33 15.68 13.35
CA ALA A 65 -19.92 14.91 12.27
C ALA A 65 -21.31 14.37 12.60
N HIS A 66 -21.91 14.81 13.71
CA HIS A 66 -23.23 14.33 14.11
C HIS A 66 -24.05 15.47 14.67
N SER A 67 -25.36 15.31 14.61
CA SER A 67 -26.31 16.34 15.04
C SER A 67 -26.60 16.22 16.52
N GLU A 68 -26.99 17.36 17.12
CA GLU A 68 -27.33 17.36 18.53
C GLU A 68 -28.52 16.45 18.83
N GLU A 69 -29.47 16.36 17.89
CA GLU A 69 -30.64 15.51 18.10
C GLU A 69 -30.26 14.04 18.16
N TYR A 70 -29.37 13.60 17.27
CA TYR A 70 -28.98 12.19 17.25
C TYR A 70 -28.10 11.85 18.45
N LEU A 71 -27.18 12.76 18.80
CA LEU A 71 -26.34 12.52 19.98
C LEU A 71 -27.17 12.44 21.25
N GLU A 72 -28.18 13.31 21.37
CA GLU A 72 -29.03 13.28 22.56
C GLU A 72 -29.80 11.95 22.65
N ALA A 73 -30.26 11.44 21.52
CA ALA A 73 -31.02 10.19 21.54
C ALA A 73 -30.15 9.00 21.92
N VAL A 74 -28.93 8.94 21.38
CA VAL A 74 -28.02 7.85 21.72
C VAL A 74 -27.58 7.95 23.18
N LYS A 75 -27.47 9.18 23.70
CA LYS A 75 -27.03 9.38 25.07
C LYS A 75 -27.98 8.77 26.10
N GLN A 76 -29.23 8.52 25.72
CA GLN A 76 -30.21 7.96 26.64
C GLN A 76 -30.25 6.43 26.61
N THR A 77 -29.49 5.79 25.73
CA THR A 77 -29.49 4.33 25.63
C THR A 77 -28.90 3.62 26.86
N PRO A 78 -27.88 4.17 27.54
CA PRO A 78 -27.40 3.50 28.76
C PRO A 78 -28.47 3.31 29.83
N GLY A 79 -29.51 4.13 29.82
CA GLY A 79 -30.59 4.00 30.79
C GLY A 79 -31.77 3.15 30.32
N MET A 80 -31.64 2.46 29.20
CA MET A 80 -32.74 1.67 28.65
C MET A 80 -32.55 0.19 28.96
N ASN A 81 -33.67 -0.51 29.10
CA ASN A 81 -33.65 -1.95 29.29
C ASN A 81 -33.61 -2.64 27.92
N VAL A 82 -33.71 -3.97 27.93
CA VAL A 82 -33.59 -4.73 26.69
C VAL A 82 -34.74 -4.42 25.75
N GLU A 83 -35.97 -4.32 26.29
CA GLU A 83 -37.12 -4.04 25.45
C GLU A 83 -37.00 -2.69 24.77
N GLU A 84 -36.62 -1.66 25.53
CA GLU A 84 -36.47 -0.33 24.95
C GLU A 84 -35.30 -0.26 23.98
N LEU A 85 -34.27 -1.08 24.18
CA LEU A 85 -33.15 -1.11 23.25
C LEU A 85 -33.54 -1.75 21.92
N MET A 86 -34.46 -2.72 21.95
CA MET A 86 -34.99 -3.27 20.70
C MET A 86 -35.79 -2.22 19.94
N ALA A 87 -36.63 -1.46 20.64
CA ALA A 87 -37.43 -0.43 19.98
C ALA A 87 -36.56 0.65 19.38
N PHE A 88 -35.46 1.00 20.05
CA PHE A 88 -34.57 2.03 19.53
C PHE A 88 -33.75 1.52 18.35
N SER A 89 -33.41 0.23 18.35
CA SER A 89 -32.59 -0.34 17.28
C SER A 89 -33.38 -0.52 15.99
N LYS A 90 -34.68 -0.81 16.06
CA LYS A 90 -35.46 -1.01 14.85
C LYS A 90 -35.75 0.31 14.13
N LYS A 91 -35.44 1.46 14.74
CA LYS A 91 -35.53 2.73 14.04
C LYS A 91 -34.41 2.93 13.02
N TYR A 92 -33.46 2.00 12.95
CA TYR A 92 -32.31 2.11 12.07
C TYR A 92 -32.14 0.80 11.30
N ASN A 93 -31.16 0.77 10.40
CA ASN A 93 -30.97 -0.36 9.49
C ASN A 93 -29.78 -1.19 9.94
N ASP A 94 -30.06 -2.41 10.39
CA ASP A 94 -29.04 -3.43 10.69
C ASP A 94 -28.02 -2.92 11.72
N VAL A 95 -28.52 -2.59 12.90
CA VAL A 95 -27.67 -2.18 14.01
C VAL A 95 -28.41 -2.45 15.30
N TYR A 96 -27.69 -2.97 16.28
CA TYR A 96 -28.23 -3.22 17.61
C TYR A 96 -27.59 -2.27 18.61
N PHE A 97 -28.28 -2.05 19.72
CA PHE A 97 -27.82 -1.16 20.76
C PHE A 97 -27.71 -1.91 22.08
N HIS A 98 -26.68 -1.55 22.86
CA HIS A 98 -26.40 -2.16 24.14
C HIS A 98 -26.31 -1.06 25.19
N GLN A 99 -26.48 -1.42 26.46
CA GLN A 99 -26.39 -0.41 27.50
C GLN A 99 -24.98 0.16 27.64
N ASN A 100 -23.98 -0.53 27.09
CA ASN A 100 -22.61 -0.06 27.10
C ASN A 100 -22.12 0.42 25.74
N ILE A 101 -22.97 0.41 24.72
CA ILE A 101 -22.49 0.72 23.37
C ILE A 101 -22.22 2.21 23.22
N TYR A 102 -22.98 3.06 23.92
CA TYR A 102 -22.69 4.50 23.88
C TYR A 102 -21.33 4.78 24.50
N HIS A 103 -21.03 4.14 25.63
CA HIS A 103 -19.71 4.26 26.25
C HIS A 103 -18.62 3.78 25.29
N CYS A 104 -18.83 2.62 24.65
CA CYS A 104 -17.82 2.09 23.74
C CYS A 104 -17.69 2.95 22.50
N ALA A 105 -18.81 3.49 22.00
CA ALA A 105 -18.74 4.34 20.80
C ALA A 105 -17.87 5.56 21.04
N LYS A 106 -18.00 6.18 22.22
CA LYS A 106 -17.11 7.29 22.54
C LYS A 106 -15.67 6.83 22.68
N LEU A 107 -15.45 5.60 23.16
CA LEU A 107 -14.10 5.07 23.21
C LEU A 107 -13.56 4.78 21.82
N ALA A 108 -14.37 4.18 20.96
CA ALA A 108 -13.95 3.92 19.58
C ALA A 108 -13.64 5.22 18.86
N ALA A 109 -14.42 6.27 19.11
CA ALA A 109 -14.14 7.57 18.50
C ALA A 109 -12.90 8.20 19.12
N GLY A 110 -12.81 8.20 20.46
CA GLY A 110 -11.64 8.78 21.11
C GLY A 110 -10.36 8.06 20.77
N ALA A 111 -10.43 6.74 20.62
CA ALA A 111 -9.26 5.97 20.22
C ALA A 111 -8.73 6.43 18.86
N THR A 112 -9.64 6.68 17.91
CA THR A 112 -9.22 7.16 16.59
C THR A 112 -8.54 8.52 16.71
N LEU A 113 -9.07 9.41 17.55
CA LEU A 113 -8.44 10.71 17.73
C LEU A 113 -7.09 10.58 18.43
N GLN A 114 -6.98 9.64 19.38
CA GLN A 114 -5.69 9.39 20.01
C GLN A 114 -4.65 8.96 18.98
N LEU A 115 -5.06 8.15 18.00
CA LEU A 115 -4.14 7.74 16.94
C LEU A 115 -3.78 8.92 16.04
N VAL A 116 -4.75 9.80 15.77
CA VAL A 116 -4.48 10.96 14.92
C VAL A 116 -3.50 11.90 15.60
N ASP A 117 -3.68 12.15 16.90
CA ASP A 117 -2.77 13.03 17.63
C ASP A 117 -1.37 12.43 17.72
N SER A 118 -1.28 11.11 17.94
CA SER A 118 0.02 10.47 18.04
C SER A 118 0.78 10.58 16.73
N VAL A 119 0.08 10.48 15.60
CA VAL A 119 0.74 10.52 14.30
C VAL A 119 1.09 11.95 13.89
N MET A 120 0.15 12.89 14.09
CA MET A 120 0.38 14.27 13.67
C MET A 120 1.35 15.01 14.59
N LYS A 121 1.55 14.55 15.82
CA LYS A 121 2.54 15.12 16.71
C LYS A 121 3.92 14.49 16.55
N ARG A 122 4.09 13.64 15.53
CA ARG A 122 5.35 12.96 15.22
C ARG A 122 5.81 12.05 16.36
N GLU A 123 4.92 11.69 17.28
CA GLU A 123 5.27 10.75 18.32
C GLU A 123 5.39 9.32 17.80
N VAL A 124 4.71 9.01 16.70
CA VAL A 124 4.87 7.76 15.98
C VAL A 124 4.81 8.06 14.49
N ARG A 125 5.32 7.13 13.69
CA ARG A 125 5.23 7.30 12.24
C ARG A 125 3.86 6.93 11.72
N ASN A 126 3.25 5.89 12.28
CA ASN A 126 1.93 5.42 11.88
C ASN A 126 1.32 4.68 13.06
N GLY A 127 0.19 4.03 12.83
CA GLY A 127 -0.44 3.25 13.89
C GLY A 127 -1.77 2.68 13.43
N MET A 128 -2.33 1.84 14.30
CA MET A 128 -3.62 1.22 14.05
C MET A 128 -4.41 1.16 15.35
N ALA A 129 -5.71 1.40 15.25
CA ALA A 129 -6.63 1.34 16.38
C ALA A 129 -7.60 0.18 16.19
N LEU A 130 -7.62 -0.75 17.15
CA LEU A 130 -8.55 -1.88 17.14
C LEU A 130 -9.79 -1.46 17.91
N VAL A 131 -10.76 -0.89 17.19
CA VAL A 131 -11.93 -0.30 17.82
C VAL A 131 -13.16 -1.13 17.52
N ARG A 132 -14.19 -0.88 18.32
CA ARG A 132 -15.53 -1.44 18.17
C ARG A 132 -16.48 -0.52 18.92
N PRO A 133 -17.63 -0.14 18.35
CA PRO A 133 -18.18 -0.51 17.04
C PRO A 133 -17.48 0.18 15.86
N PRO A 134 -17.71 -0.34 14.64
CA PRO A 134 -17.20 0.36 13.45
C PRO A 134 -17.90 1.69 13.23
N GLY A 135 -17.56 2.40 12.16
CA GLY A 135 -18.09 3.73 11.99
C GLY A 135 -18.49 4.17 10.60
N HIS A 136 -17.93 3.55 9.55
CA HIS A 136 -18.02 4.16 8.22
C HIS A 136 -19.44 4.14 7.64
N HIS A 137 -20.37 3.42 8.27
CA HIS A 137 -21.77 3.50 7.85
C HIS A 137 -22.57 4.57 8.59
N SER A 138 -22.07 5.00 9.75
CA SER A 138 -22.79 5.99 10.55
C SER A 138 -22.94 7.31 9.82
N GLN A 139 -24.09 7.94 9.97
CA GLN A 139 -24.41 9.20 9.30
C GLN A 139 -24.67 10.28 10.34
N ARG A 140 -25.04 11.47 9.86
N ARG A 140 -25.02 11.48 9.86
CA ARG A 140 -25.15 12.63 10.75
CA ARG A 140 -25.16 12.63 10.74
C ARG A 140 -26.25 12.46 11.79
C ARG A 140 -26.22 12.41 11.80
N SER A 141 -27.35 11.81 11.42
CA SER A 141 -28.49 11.65 12.33
C SER A 141 -29.01 10.22 12.35
N ALA A 142 -28.14 9.23 12.16
CA ALA A 142 -28.61 7.86 12.13
C ALA A 142 -27.47 6.89 12.39
N ALA A 143 -27.76 5.85 13.17
CA ALA A 143 -26.90 4.68 13.23
C ALA A 143 -27.23 3.75 12.07
N ASN A 144 -26.21 3.04 11.59
CA ASN A 144 -26.39 2.22 10.40
C ASN A 144 -25.28 1.18 10.35
N GLY A 145 -25.66 -0.06 10.02
CA GLY A 145 -24.72 -1.14 9.78
C GLY A 145 -23.67 -1.33 10.86
N PHE A 146 -24.11 -1.64 12.08
CA PHE A 146 -23.28 -1.87 13.26
C PHE A 146 -22.56 -0.61 13.74
N CYS A 147 -22.72 0.52 13.05
CA CYS A 147 -21.98 1.73 13.36
C CYS A 147 -22.86 2.72 14.13
N VAL A 148 -22.29 3.33 15.16
CA VAL A 148 -22.99 4.35 15.96
C VAL A 148 -22.46 5.73 15.58
N PHE A 149 -21.15 5.92 15.71
CA PHE A 149 -20.50 7.17 15.35
C PHE A 149 -19.43 6.89 14.30
N ASN A 150 -19.27 7.83 13.36
CA ASN A 150 -18.36 7.66 12.23
C ASN A 150 -16.94 7.99 12.69
N ASN A 151 -16.21 6.95 13.12
CA ASN A 151 -14.88 7.15 13.68
C ASN A 151 -13.93 7.79 12.68
N VAL A 152 -13.91 7.28 11.44
CA VAL A 152 -12.97 7.80 10.44
C VAL A 152 -13.35 9.21 10.03
N ALA A 153 -14.65 9.51 9.96
CA ALA A 153 -15.07 10.87 9.66
C ALA A 153 -14.59 11.84 10.74
N PHE A 154 -14.63 11.42 12.00
CA PHE A 154 -14.07 12.23 13.09
C PHE A 154 -12.61 12.56 12.82
N ALA A 155 -11.81 11.55 12.50
CA ALA A 155 -10.37 11.73 12.34
C ALA A 155 -10.04 12.77 11.29
N ALA A 156 -10.74 12.74 10.15
CA ALA A 156 -10.46 13.71 9.08
C ALA A 156 -10.86 15.11 9.50
N LEU A 157 -12.05 15.27 10.08
CA LEU A 157 -12.46 16.58 10.56
C LEU A 157 -11.60 17.05 11.73
N TYR A 158 -11.24 16.13 12.62
CA TYR A 158 -10.36 16.47 13.74
C TYR A 158 -9.00 16.95 13.26
N ALA A 159 -8.41 16.24 12.29
CA ALA A 159 -7.11 16.65 11.75
C ALA A 159 -7.21 17.93 10.95
N LYS A 160 -8.39 18.23 10.39
CA LYS A 160 -8.57 19.49 9.67
C LYS A 160 -8.56 20.67 10.64
N LYS A 161 -9.30 20.56 11.73
CA LYS A 161 -9.48 21.70 12.63
C LYS A 161 -8.23 21.95 13.47
N ASN A 162 -7.65 20.90 14.04
CA ASN A 162 -6.56 21.05 14.99
C ASN A 162 -5.18 21.07 14.35
N TYR A 163 -5.08 20.85 13.03
CA TYR A 163 -3.79 20.85 12.38
C TYR A 163 -3.78 21.59 11.05
N ASN A 164 -4.91 22.17 10.62
CA ASN A 164 -4.98 23.00 9.42
C ASN A 164 -4.52 22.24 8.18
N LEU A 165 -4.91 20.97 8.08
CA LEU A 165 -4.56 20.16 6.92
C LEU A 165 -5.50 20.48 5.76
N ASN A 166 -4.92 20.55 4.56
CA ASN A 166 -5.68 20.88 3.36
C ASN A 166 -6.05 19.64 2.54
N ARG A 167 -5.33 18.53 2.70
CA ARG A 167 -5.56 17.35 1.88
C ARG A 167 -5.44 16.11 2.76
N ILE A 168 -6.52 15.35 2.86
CA ILE A 168 -6.56 14.11 3.62
C ILE A 168 -7.12 13.01 2.73
N LEU A 169 -6.45 11.86 2.70
CA LEU A 169 -6.88 10.72 1.91
C LEU A 169 -7.50 9.66 2.82
N ILE A 170 -8.68 9.19 2.46
CA ILE A 170 -9.37 8.11 3.18
C ILE A 170 -9.49 6.93 2.24
N VAL A 171 -8.91 5.80 2.63
CA VAL A 171 -8.94 4.57 1.85
C VAL A 171 -9.82 3.57 2.59
N ASP A 172 -11.00 3.31 2.05
CA ASP A 172 -11.96 2.38 2.64
C ASP A 172 -11.90 1.08 1.84
N TRP A 173 -11.14 0.11 2.34
CA TRP A 173 -11.08 -1.20 1.69
C TRP A 173 -11.96 -2.24 2.37
N ASP A 174 -12.81 -1.82 3.31
CA ASP A 174 -13.87 -2.69 3.80
C ASP A 174 -14.75 -3.14 2.64
N VAL A 175 -15.35 -4.32 2.79
CA VAL A 175 -16.13 -4.88 1.68
C VAL A 175 -17.47 -4.19 1.50
N HIS A 176 -17.92 -3.41 2.49
CA HIS A 176 -19.13 -2.62 2.36
C HIS A 176 -18.77 -1.17 2.02
N HIS A 177 -19.73 -0.47 1.41
CA HIS A 177 -19.52 0.92 1.04
C HIS A 177 -19.76 1.81 2.25
N GLY A 178 -18.74 2.58 2.63
CA GLY A 178 -18.87 3.50 3.74
C GLY A 178 -19.61 4.76 3.35
N GLN A 179 -20.93 4.63 3.16
CA GLN A 179 -21.73 5.76 2.69
C GLN A 179 -21.77 6.89 3.71
N GLY A 180 -21.54 6.60 4.99
CA GLY A 180 -21.50 7.66 5.98
C GLY A 180 -20.34 8.61 5.74
N ILE A 181 -19.21 8.09 5.28
CA ILE A 181 -18.06 8.93 4.96
C ILE A 181 -18.32 9.73 3.68
N GLN A 182 -18.94 9.09 2.68
CA GLN A 182 -19.22 9.76 1.42
C GLN A 182 -20.16 10.94 1.63
N TYR A 183 -21.26 10.72 2.35
CA TYR A 183 -22.19 11.81 2.65
C TYR A 183 -21.48 12.94 3.39
N CYS A 184 -20.54 12.61 4.27
CA CYS A 184 -19.91 13.61 5.12
C CYS A 184 -19.03 14.54 4.29
N PHE A 185 -18.34 14.02 3.28
CA PHE A 185 -17.39 14.79 2.49
C PHE A 185 -17.82 14.89 1.03
N GLU A 186 -19.13 14.88 0.77
CA GLU A 186 -19.62 14.93 -0.60
C GLU A 186 -19.12 16.16 -1.33
N GLU A 187 -19.18 17.32 -0.68
CA GLU A 187 -18.79 18.58 -1.29
C GLU A 187 -17.44 19.09 -0.81
N ASP A 188 -16.66 18.25 -0.11
CA ASP A 188 -15.40 18.70 0.45
C ASP A 188 -14.25 18.19 -0.41
N PRO A 189 -13.54 19.07 -1.13
CA PRO A 189 -12.38 18.62 -1.91
C PRO A 189 -11.14 18.39 -1.07
N SER A 190 -11.17 18.71 0.22
CA SER A 190 -10.01 18.51 1.09
C SER A 190 -9.89 17.07 1.61
N VAL A 191 -10.93 16.26 1.45
CA VAL A 191 -10.93 14.88 1.93
C VAL A 191 -11.26 13.98 0.75
N LEU A 192 -10.24 13.34 0.18
CA LEU A 192 -10.45 12.39 -0.91
C LEU A 192 -10.88 11.05 -0.33
N TYR A 193 -12.05 10.56 -0.75
CA TYR A 193 -12.58 9.29 -0.28
C TYR A 193 -12.55 8.28 -1.42
N PHE A 194 -11.80 7.20 -1.22
CA PHE A 194 -11.82 6.05 -2.12
C PHE A 194 -12.44 4.87 -1.39
N SER A 195 -13.27 4.10 -2.10
CA SER A 195 -13.92 2.95 -1.50
C SER A 195 -14.23 1.92 -2.58
N TRP A 196 -13.74 0.70 -2.39
CA TRP A 196 -14.25 -0.44 -3.14
C TRP A 196 -15.19 -1.22 -2.23
N HIS A 197 -16.13 -1.94 -2.85
CA HIS A 197 -17.16 -2.59 -2.06
C HIS A 197 -17.93 -3.57 -2.93
N ARG A 198 -18.43 -4.63 -2.29
CA ARG A 198 -19.35 -5.53 -2.96
C ARG A 198 -20.65 -4.79 -3.27
N TYR A 199 -20.94 -4.64 -4.56
CA TYR A 199 -22.11 -3.92 -5.04
C TYR A 199 -23.12 -4.84 -5.70
N GLU A 200 -22.66 -5.66 -6.66
CA GLU A 200 -23.51 -6.61 -7.38
C GLU A 200 -24.72 -5.89 -8.00
N HIS A 201 -24.42 -4.79 -8.71
CA HIS A 201 -25.45 -4.02 -9.41
C HIS A 201 -26.56 -3.56 -8.46
N GLN A 202 -26.14 -3.02 -7.31
CA GLN A 202 -27.00 -2.46 -6.27
C GLN A 202 -27.83 -3.52 -5.55
N SER A 203 -27.60 -4.81 -5.81
CA SER A 203 -28.36 -5.83 -5.12
C SER A 203 -27.81 -6.17 -3.74
N PHE A 204 -26.61 -5.67 -3.40
CA PHE A 204 -26.00 -5.94 -2.11
C PHE A 204 -26.11 -4.75 -1.18
N TRP A 205 -26.18 -5.05 0.11
CA TRP A 205 -26.35 -4.01 1.13
C TRP A 205 -25.20 -3.00 1.06
N PRO A 206 -25.47 -1.70 1.24
CA PRO A 206 -26.77 -1.10 1.58
C PRO A 206 -27.67 -0.73 0.39
N ASN A 207 -27.43 -1.30 -0.78
CA ASN A 207 -28.30 -1.13 -1.95
C ASN A 207 -28.54 0.35 -2.26
N LEU A 208 -27.46 1.09 -2.44
CA LEU A 208 -27.58 2.53 -2.68
C LEU A 208 -27.16 2.87 -4.09
N PRO A 209 -27.99 3.59 -4.85
CA PRO A 209 -27.55 4.04 -6.18
C PRO A 209 -26.31 4.91 -6.14
N GLU A 210 -26.14 5.71 -5.09
CA GLU A 210 -24.97 6.57 -4.97
C GLU A 210 -23.71 5.81 -4.59
N SER A 211 -23.79 4.50 -4.37
CA SER A 211 -22.62 3.67 -4.18
C SER A 211 -21.96 3.28 -5.49
N ASP A 212 -22.51 3.71 -6.62
CA ASP A 212 -21.98 3.33 -7.92
C ASP A 212 -20.83 4.25 -8.33
N TYR A 213 -20.21 3.90 -9.46
CA TYR A 213 -19.04 4.64 -9.92
C TYR A 213 -19.38 6.04 -10.40
N SER A 214 -20.65 6.33 -10.69
CA SER A 214 -21.04 7.62 -11.21
C SER A 214 -21.03 8.72 -10.14
N SER A 215 -21.08 8.34 -8.86
CA SER A 215 -21.02 9.31 -7.78
C SER A 215 -19.57 9.72 -7.57
N VAL A 216 -19.21 10.89 -8.10
CA VAL A 216 -17.86 11.42 -8.01
C VAL A 216 -17.77 12.60 -7.05
N GLY A 217 -18.86 12.92 -6.36
CA GLY A 217 -18.93 14.09 -5.51
C GLY A 217 -19.86 15.14 -6.10
N LYS A 218 -20.03 16.21 -5.32
CA LYS A 218 -20.93 17.30 -5.69
C LYS A 218 -20.25 18.64 -5.43
N GLY A 219 -20.54 19.61 -6.28
CA GLY A 219 -20.07 20.97 -6.07
C GLY A 219 -18.56 21.08 -6.21
N LYS A 220 -17.95 21.82 -5.28
CA LYS A 220 -16.50 22.02 -5.29
C LYS A 220 -15.73 20.75 -4.98
N GLY A 221 -16.41 19.67 -4.57
CA GLY A 221 -15.76 18.41 -4.25
C GLY A 221 -15.93 17.32 -5.27
N SER A 222 -16.54 17.59 -6.42
CA SER A 222 -16.70 16.56 -7.45
C SER A 222 -15.34 16.14 -7.98
N GLY A 223 -15.14 14.82 -8.07
CA GLY A 223 -13.85 14.27 -8.40
C GLY A 223 -13.02 13.85 -7.21
N PHE A 224 -13.49 14.14 -5.99
CA PHE A 224 -12.79 13.75 -4.77
C PHE A 224 -13.54 12.65 -4.02
N ASN A 225 -14.48 11.99 -4.69
CA ASN A 225 -15.13 10.78 -4.19
C ASN A 225 -15.02 9.72 -5.27
N ILE A 226 -14.45 8.57 -4.92
CA ILE A 226 -14.16 7.51 -5.88
C ILE A 226 -14.73 6.20 -5.34
N ASN A 227 -15.82 5.73 -5.95
CA ASN A 227 -16.40 4.44 -5.60
C ASN A 227 -16.05 3.42 -6.68
N LEU A 228 -15.55 2.26 -6.25
CA LEU A 228 -15.26 1.15 -7.17
C LEU A 228 -16.15 -0.03 -6.82
N PRO A 229 -17.22 -0.25 -7.58
CA PRO A 229 -18.17 -1.32 -7.23
C PRO A 229 -17.69 -2.69 -7.71
N TRP A 230 -17.73 -3.67 -6.81
CA TRP A 230 -17.52 -5.07 -7.18
C TRP A 230 -18.88 -5.66 -7.54
N ASN A 231 -19.06 -6.04 -8.80
CA ASN A 231 -20.34 -6.53 -9.28
C ASN A 231 -20.44 -8.06 -9.25
N LYS A 232 -19.36 -8.76 -8.92
CA LYS A 232 -19.40 -10.19 -8.70
C LYS A 232 -18.54 -10.52 -7.48
N VAL A 233 -18.87 -11.62 -6.82
CA VAL A 233 -18.11 -12.06 -5.65
C VAL A 233 -16.87 -12.80 -6.11
N GLY A 234 -16.03 -13.22 -5.17
CA GLY A 234 -14.85 -13.99 -5.50
C GLY A 234 -13.69 -13.19 -6.05
N MET A 235 -13.63 -11.89 -5.76
CA MET A 235 -12.51 -11.08 -6.22
C MET A 235 -11.21 -11.55 -5.56
N THR A 236 -10.13 -11.53 -6.34
CA THR A 236 -8.86 -12.12 -5.94
C THR A 236 -7.83 -11.03 -5.67
N ASN A 237 -6.61 -11.46 -5.34
CA ASN A 237 -5.52 -10.51 -5.15
C ASN A 237 -5.24 -9.72 -6.41
N SER A 238 -5.39 -10.35 -7.58
CA SER A 238 -5.16 -9.64 -8.84
C SER A 238 -6.19 -8.53 -9.05
N ASP A 239 -7.42 -8.72 -8.58
CA ASP A 239 -8.43 -7.67 -8.70
C ASP A 239 -8.12 -6.51 -7.77
N TYR A 240 -7.70 -6.81 -6.54
CA TYR A 240 -7.38 -5.74 -5.58
C TYR A 240 -6.17 -4.94 -6.04
N LEU A 241 -5.13 -5.62 -6.53
CA LEU A 241 -3.94 -4.92 -6.98
C LEU A 241 -4.19 -4.12 -8.25
N ALA A 242 -5.05 -4.63 -9.14
CA ALA A 242 -5.43 -3.86 -10.31
C ALA A 242 -6.17 -2.58 -9.91
N ALA A 243 -7.03 -2.68 -8.90
CA ALA A 243 -7.73 -1.50 -8.40
C ALA A 243 -6.75 -0.46 -7.87
N PHE A 244 -5.69 -0.91 -7.19
CA PHE A 244 -4.72 0.03 -6.65
C PHE A 244 -3.84 0.62 -7.75
N PHE A 245 -3.34 -0.24 -8.65
CA PHE A 245 -2.39 0.22 -9.65
C PHE A 245 -3.03 1.16 -10.67
N HIS A 246 -4.31 0.97 -10.96
CA HIS A 246 -4.96 1.68 -12.07
C HIS A 246 -6.03 2.67 -11.62
N VAL A 247 -6.33 2.76 -10.33
CA VAL A 247 -7.33 3.72 -9.86
C VAL A 247 -6.79 4.50 -8.67
N LEU A 248 -6.55 3.82 -7.55
CA LEU A 248 -6.28 4.51 -6.29
C LEU A 248 -4.91 5.18 -6.31
N LEU A 249 -3.85 4.40 -6.53
CA LEU A 249 -2.50 4.96 -6.46
C LEU A 249 -2.27 6.11 -7.43
N PRO A 250 -2.65 6.03 -8.72
CA PRO A 250 -2.44 7.20 -9.59
C PRO A 250 -3.16 8.45 -9.11
N VAL A 251 -4.33 8.30 -8.50
CA VAL A 251 -5.04 9.45 -7.95
C VAL A 251 -4.39 9.92 -6.66
N ALA A 252 -3.98 8.98 -5.81
CA ALA A 252 -3.46 9.34 -4.49
C ALA A 252 -2.14 10.10 -4.59
N TYR A 253 -1.27 9.70 -5.52
CA TYR A 253 0.06 10.31 -5.58
C TYR A 253 0.07 11.68 -6.22
N GLU A 254 -0.90 11.99 -7.08
CA GLU A 254 -1.02 13.36 -7.57
C GLU A 254 -1.89 14.22 -6.67
N PHE A 255 -2.76 13.60 -5.86
CA PHE A 255 -3.45 14.33 -4.81
C PHE A 255 -2.48 14.79 -3.73
N ASP A 256 -1.45 13.97 -3.44
CA ASP A 256 -0.40 14.26 -2.46
C ASP A 256 -1.01 14.58 -1.11
N PRO A 257 -1.57 13.60 -0.40
CA PRO A 257 -2.22 13.89 0.87
C PRO A 257 -1.22 14.20 1.97
N GLU A 258 -1.66 15.01 2.93
CA GLU A 258 -0.88 15.30 4.12
C GLU A 258 -1.11 14.28 5.23
N LEU A 259 -2.09 13.39 5.07
CA LEU A 259 -2.38 12.35 6.04
C LEU A 259 -3.25 11.30 5.35
N VAL A 260 -2.99 10.03 5.68
CA VAL A 260 -3.74 8.91 5.12
C VAL A 260 -4.46 8.20 6.25
N ILE A 261 -5.78 8.11 6.16
CA ILE A 261 -6.60 7.36 7.10
C ILE A 261 -7.22 6.19 6.35
N VAL A 262 -7.16 5.01 6.95
CA VAL A 262 -7.61 3.78 6.31
C VAL A 262 -8.80 3.23 7.09
N SER A 263 -9.95 3.14 6.43
CA SER A 263 -11.07 2.37 6.95
C SER A 263 -10.77 0.90 6.68
N ALA A 264 -10.08 0.27 7.63
CA ALA A 264 -9.55 -1.08 7.43
C ALA A 264 -10.60 -2.09 7.88
N GLY A 265 -11.49 -2.45 6.96
CA GLY A 265 -12.38 -3.57 7.15
C GLY A 265 -11.83 -4.79 6.44
N PHE A 266 -11.71 -5.89 7.18
CA PHE A 266 -11.12 -7.11 6.66
C PHE A 266 -12.16 -8.13 6.25
N ASP A 267 -13.43 -7.74 6.16
CA ASP A 267 -14.45 -8.60 5.56
C ASP A 267 -14.28 -8.72 4.07
N SER A 268 -13.33 -8.01 3.47
CA SER A 268 -12.94 -8.19 2.08
C SER A 268 -11.94 -9.30 1.88
N ALA A 269 -11.57 -10.01 2.95
CA ALA A 269 -10.62 -11.10 2.88
C ALA A 269 -11.33 -12.43 2.69
N ILE A 270 -10.55 -13.45 2.31
CA ILE A 270 -11.11 -14.76 2.01
C ILE A 270 -11.79 -15.34 3.25
N GLY A 271 -12.85 -16.12 3.00
CA GLY A 271 -13.57 -16.80 4.06
C GLY A 271 -14.61 -15.98 4.78
N ASP A 272 -14.71 -14.68 4.50
CA ASP A 272 -15.65 -13.84 5.22
C ASP A 272 -17.08 -14.13 4.75
N PRO A 273 -18.05 -14.22 5.69
CA PRO A 273 -19.42 -14.51 5.27
C PRO A 273 -20.12 -13.35 4.60
N GLU A 274 -19.65 -12.11 4.79
CA GLU A 274 -20.28 -10.95 4.19
C GLU A 274 -19.72 -10.64 2.80
N GLY A 275 -18.39 -10.63 2.68
CA GLY A 275 -17.76 -10.25 1.44
C GLY A 275 -17.73 -11.33 0.38
N GLU A 276 -17.48 -12.58 0.80
CA GLU A 276 -17.38 -13.72 -0.10
C GLU A 276 -16.32 -13.52 -1.18
N MET A 277 -15.28 -12.74 -0.85
CA MET A 277 -14.16 -12.53 -1.77
C MET A 277 -13.11 -13.62 -1.55
N CYS A 278 -12.04 -13.56 -2.33
CA CYS A 278 -11.03 -14.62 -2.33
C CYS A 278 -9.61 -14.07 -2.16
N ALA A 279 -9.46 -12.86 -1.64
CA ALA A 279 -8.13 -12.30 -1.42
C ALA A 279 -7.52 -12.89 -0.16
N LEU A 280 -6.23 -13.26 -0.26
CA LEU A 280 -5.54 -13.82 0.89
C LEU A 280 -5.19 -12.72 1.88
N PRO A 281 -5.05 -13.06 3.17
CA PRO A 281 -4.66 -12.05 4.16
C PRO A 281 -3.36 -11.36 3.83
N GLU A 282 -2.48 -11.98 3.06
CA GLU A 282 -1.21 -11.37 2.69
C GLU A 282 -1.39 -10.13 1.80
N ILE A 283 -2.55 -9.99 1.15
CA ILE A 283 -2.73 -8.85 0.25
C ILE A 283 -2.74 -7.55 1.03
N PHE A 284 -3.16 -7.59 2.29
CA PHE A 284 -3.20 -6.37 3.10
C PHE A 284 -1.81 -5.91 3.51
N ALA A 285 -0.82 -6.81 3.44
CA ALA A 285 0.56 -6.38 3.64
C ALA A 285 1.01 -5.43 2.54
N HIS A 286 0.52 -5.63 1.32
CA HIS A 286 0.89 -4.77 0.21
C HIS A 286 -0.04 -3.57 0.06
N LEU A 287 -1.34 -3.73 0.38
CA LEU A 287 -2.22 -2.58 0.41
C LEU A 287 -1.73 -1.53 1.38
N THR A 288 -1.20 -1.97 2.54
CA THR A 288 -0.57 -1.04 3.46
C THR A 288 0.74 -0.52 2.91
N HIS A 289 1.57 -1.41 2.33
CA HIS A 289 2.90 -1.01 1.89
C HIS A 289 2.85 0.01 0.76
N LEU A 290 1.90 -0.15 -0.17
CA LEU A 290 1.84 0.75 -1.31
C LEU A 290 1.37 2.15 -0.94
N LEU A 291 0.76 2.31 0.24
CA LEU A 291 0.29 3.62 0.70
C LEU A 291 1.26 4.31 1.64
N MET A 292 2.20 3.57 2.24
CA MET A 292 3.09 4.17 3.23
C MET A 292 4.01 5.26 2.67
N PRO A 293 4.45 5.25 1.41
CA PRO A 293 5.21 6.40 0.89
C PRO A 293 4.43 7.70 0.89
N LEU A 294 3.10 7.65 1.00
CA LEU A 294 2.30 8.86 1.01
C LEU A 294 2.37 9.57 2.35
N ALA A 295 2.34 10.90 2.30
CA ALA A 295 2.27 11.75 3.50
C ALA A 295 3.39 11.46 4.49
N ALA A 296 4.57 11.11 3.97
CA ALA A 296 5.75 10.81 4.79
C ALA A 296 5.43 9.70 5.81
N GLY A 297 4.62 8.73 5.39
CA GLY A 297 4.29 7.60 6.23
C GLY A 297 3.18 7.83 7.23
N LYS A 298 2.70 9.06 7.37
CA LYS A 298 1.65 9.35 8.35
C LYS A 298 0.36 8.65 7.98
N MET A 299 0.17 7.44 8.51
CA MET A 299 -0.94 6.56 8.13
C MET A 299 -1.65 6.08 9.38
N CYS A 300 -2.95 6.33 9.46
CA CYS A 300 -3.77 5.95 10.62
C CYS A 300 -4.76 4.88 10.16
N VAL A 301 -4.51 3.64 10.57
CA VAL A 301 -5.36 2.52 10.21
C VAL A 301 -6.43 2.34 11.30
N VAL A 302 -7.69 2.36 10.91
CA VAL A 302 -8.81 2.23 11.84
C VAL A 302 -9.62 1.01 11.45
N LEU A 303 -9.87 0.12 12.42
CA LEU A 303 -10.58 -1.11 12.15
C LEU A 303 -12.05 -0.83 11.82
N GLU A 304 -12.59 -1.61 10.88
CA GLU A 304 -14.00 -1.53 10.53
C GLU A 304 -14.64 -2.90 10.63
N GLY A 305 -14.77 -3.59 9.50
CA GLY A 305 -15.40 -4.90 9.45
C GLY A 305 -14.39 -6.03 9.53
N GLY A 306 -14.89 -7.24 9.26
CA GLY A 306 -14.09 -8.45 9.37
C GLY A 306 -14.72 -9.44 10.33
N TYR A 307 -15.26 -10.54 9.81
CA TYR A 307 -16.12 -11.39 10.61
C TYR A 307 -15.73 -12.87 10.61
N ASN A 308 -14.85 -13.31 9.73
CA ASN A 308 -14.23 -14.63 9.87
C ASN A 308 -13.07 -14.49 10.85
N LEU A 309 -13.23 -15.06 12.04
CA LEU A 309 -12.27 -14.83 13.11
C LEU A 309 -10.87 -15.27 12.73
N THR A 310 -10.76 -16.37 11.99
CA THR A 310 -9.45 -16.82 11.53
C THR A 310 -8.88 -15.87 10.49
N SER A 311 -9.68 -15.50 9.49
CA SER A 311 -9.23 -14.57 8.46
C SER A 311 -8.98 -13.18 9.03
N LEU A 312 -9.73 -12.80 10.07
CA LEU A 312 -9.56 -11.48 10.66
C LEU A 312 -8.19 -11.36 11.33
N GLY A 313 -7.82 -12.36 12.13
CA GLY A 313 -6.56 -12.28 12.84
C GLY A 313 -5.35 -12.28 11.92
N GLN A 314 -5.40 -13.08 10.86
CA GLN A 314 -4.29 -13.13 9.92
C GLN A 314 -4.16 -11.82 9.15
N SER A 315 -5.28 -11.21 8.78
CA SER A 315 -5.23 -9.97 8.01
C SER A 315 -4.78 -8.79 8.87
N VAL A 316 -5.14 -8.79 10.16
CA VAL A 316 -4.69 -7.73 11.05
C VAL A 316 -3.16 -7.80 11.21
N CYS A 317 -2.64 -9.01 11.41
CA CYS A 317 -1.20 -9.17 11.61
C CYS A 317 -0.41 -8.73 10.38
N GLN A 318 -0.93 -9.02 9.18
CA GLN A 318 -0.24 -8.61 7.96
C GLN A 318 -0.21 -7.10 7.82
N THR A 319 -1.24 -6.41 8.33
CA THR A 319 -1.26 -4.95 8.26
C THR A 319 -0.25 -4.35 9.22
N VAL A 320 -0.25 -4.81 10.47
CA VAL A 320 0.68 -4.27 11.47
C VAL A 320 2.12 -4.61 11.11
N HIS A 321 2.33 -5.79 10.51
CA HIS A 321 3.66 -6.16 10.03
C HIS A 321 4.22 -5.11 9.09
N SER A 322 3.43 -4.71 8.09
CA SER A 322 3.88 -3.70 7.14
C SER A 322 4.02 -2.33 7.80
N LEU A 323 3.16 -2.03 8.78
CA LEU A 323 3.27 -0.76 9.51
C LEU A 323 4.59 -0.67 10.26
N LEU A 324 5.06 -1.80 10.80
CA LEU A 324 6.33 -1.86 11.50
C LEU A 324 7.53 -1.95 10.56
N GLY A 325 7.30 -2.05 9.25
CA GLY A 325 8.38 -2.10 8.29
C GLY A 325 8.92 -3.48 8.00
N ASP A 326 8.31 -4.54 8.52
CA ASP A 326 8.78 -5.89 8.26
C ASP A 326 8.64 -6.21 6.76
N PRO A 327 9.46 -7.13 6.25
CA PRO A 327 9.41 -7.44 4.82
C PRO A 327 8.04 -7.95 4.40
N THR A 328 7.67 -7.66 3.16
CA THR A 328 6.38 -8.06 2.62
C THR A 328 6.47 -9.48 2.05
N PRO A 329 5.43 -10.30 2.23
CA PRO A 329 5.46 -11.65 1.67
C PRO A 329 5.26 -11.63 0.16
N ARG A 330 5.87 -12.61 -0.51
CA ARG A 330 5.73 -12.72 -1.95
C ARG A 330 4.33 -13.20 -2.31
N ILE A 331 3.77 -12.62 -3.38
CA ILE A 331 2.44 -12.95 -3.86
C ILE A 331 2.59 -13.64 -5.20
N SER A 332 2.22 -14.92 -5.26
CA SER A 332 2.31 -15.72 -6.47
C SER A 332 0.93 -15.88 -7.10
N GLY A 333 0.94 -16.29 -8.37
CA GLY A 333 -0.29 -16.53 -9.11
C GLY A 333 -1.02 -15.29 -9.57
N LEU A 334 -0.37 -14.13 -9.56
CA LEU A 334 -1.01 -12.91 -10.00
C LEU A 334 -1.12 -12.87 -11.52
N GLY A 335 -2.22 -12.34 -12.00
CA GLY A 335 -2.46 -12.23 -13.43
C GLY A 335 -3.47 -11.13 -13.69
N THR A 336 -4.24 -11.29 -14.76
CA THR A 336 -5.22 -10.28 -15.12
C THR A 336 -6.38 -10.29 -14.12
N ALA A 337 -7.06 -9.16 -14.05
CA ALA A 337 -8.31 -9.08 -13.30
C ALA A 337 -9.44 -9.71 -14.11
N CYS A 338 -10.48 -10.13 -13.41
CA CYS A 338 -11.62 -10.74 -14.08
C CYS A 338 -12.36 -9.69 -14.92
N ASP A 339 -13.26 -10.17 -15.79
CA ASP A 339 -13.96 -9.28 -16.70
C ASP A 339 -14.84 -8.28 -15.95
N SER A 340 -15.49 -8.73 -14.87
CA SER A 340 -16.35 -7.82 -14.10
C SER A 340 -15.54 -6.74 -13.41
N ALA A 341 -14.38 -7.11 -12.86
CA ALA A 341 -13.52 -6.11 -12.21
C ALA A 341 -12.94 -5.15 -13.24
N LEU A 342 -12.56 -5.65 -14.42
CA LEU A 342 -12.04 -4.76 -15.45
C LEU A 342 -13.12 -3.80 -15.94
N GLU A 343 -14.39 -4.23 -15.91
CA GLU A 343 -15.47 -3.32 -16.29
C GLU A 343 -15.62 -2.20 -15.27
N SER A 344 -15.62 -2.54 -13.98
CA SER A 344 -15.72 -1.52 -12.95
C SER A 344 -14.51 -0.58 -12.99
N ILE A 345 -13.31 -1.14 -13.16
CA ILE A 345 -12.12 -0.31 -13.29
C ILE A 345 -12.20 0.57 -14.53
N GLN A 346 -12.77 0.03 -15.61
CA GLN A 346 -12.91 0.78 -16.86
C GLN A 346 -13.84 1.98 -16.67
N ASN A 347 -14.98 1.76 -16.01
CA ASN A 347 -15.98 2.82 -15.88
C ASN A 347 -15.52 3.91 -14.93
N VAL A 348 -14.85 3.53 -13.84
CA VAL A 348 -14.37 4.52 -12.88
C VAL A 348 -13.35 5.44 -13.53
N ARG A 349 -12.38 4.85 -14.25
CA ARG A 349 -11.37 5.66 -14.92
C ARG A 349 -12.00 6.61 -15.93
N ASN A 350 -13.06 6.16 -16.60
CA ASN A 350 -13.70 7.01 -17.61
C ASN A 350 -14.41 8.20 -16.97
N VAL A 351 -15.18 7.95 -15.91
CA VAL A 351 -15.94 9.05 -15.30
C VAL A 351 -15.01 10.00 -14.54
N GLN A 352 -13.89 9.49 -14.01
CA GLN A 352 -12.92 10.34 -13.33
C GLN A 352 -11.95 11.04 -14.27
N SER A 353 -12.06 10.78 -15.59
CA SER A 353 -11.09 11.33 -16.53
C SER A 353 -11.13 12.85 -16.58
N SER A 354 -12.28 13.44 -16.27
CA SER A 354 -12.43 14.89 -16.30
C SER A 354 -11.94 15.57 -15.02
N TYR A 355 -11.30 14.83 -14.11
CA TYR A 355 -10.87 15.39 -12.83
C TYR A 355 -9.42 15.10 -12.48
N TRP A 356 -8.80 14.07 -13.04
CA TRP A 356 -7.46 13.67 -12.64
C TRP A 356 -6.55 13.54 -13.85
N SER A 357 -5.27 13.91 -13.66
CA SER A 357 -4.33 13.93 -14.77
C SER A 357 -4.02 12.52 -15.27
N SER A 358 -3.91 11.55 -14.36
CA SER A 358 -3.57 10.19 -14.75
C SER A 358 -4.61 9.57 -15.68
N PHE A 359 -5.84 10.05 -15.64
CA PHE A 359 -6.90 9.56 -16.52
C PHE A 359 -7.26 10.54 -17.63
N LYS A 360 -6.55 11.67 -17.72
CA LYS A 360 -6.93 12.73 -18.65
C LYS A 360 -6.91 12.27 -20.10
N HIS A 361 -5.99 11.37 -20.45
CA HIS A 361 -5.87 10.91 -21.83
C HIS A 361 -7.09 10.12 -22.30
N LEU A 362 -7.93 9.66 -21.38
CA LEU A 362 -9.12 8.91 -21.75
C LEU A 362 -10.26 9.80 -22.24
N ALA A 363 -10.20 11.11 -21.97
CA ALA A 363 -11.29 12.00 -22.33
C ALA A 363 -11.28 12.33 -23.82
N GLN A 364 -10.10 12.59 -24.39
CA GLN A 364 -9.97 12.93 -25.79
C GLN A 364 -9.61 11.70 -26.61
N SER A 365 -10.13 11.66 -27.84
CA SER A 365 -9.88 10.51 -28.71
C SER A 365 -8.56 10.61 -29.45
N GLU A 366 -8.01 11.81 -29.61
CA GLU A 366 -6.70 11.95 -30.26
C GLU A 366 -5.60 11.32 -29.44
N THR A 367 -5.75 11.32 -28.10
CA THR A 367 -4.78 10.67 -27.23
C THR A 367 -5.14 9.21 -26.99
N ASN A 368 -6.35 8.95 -26.51
CA ASN A 368 -6.85 7.59 -26.34
C ASN A 368 -8.37 7.59 -26.12
N ILE A 400 -13.19 -21.48 2.46
CA ILE A 400 -13.44 -21.91 3.83
C ILE A 400 -12.12 -22.21 4.53
N VAL A 401 -11.12 -22.64 3.75
CA VAL A 401 -9.82 -23.02 4.27
C VAL A 401 -8.74 -22.54 3.31
N TRP A 402 -7.68 -21.96 3.84
CA TRP A 402 -6.56 -21.49 3.05
C TRP A 402 -5.28 -21.70 3.86
N PRO A 403 -4.12 -21.78 3.20
CA PRO A 403 -2.88 -22.03 3.94
C PRO A 403 -2.52 -20.87 4.85
N GLU A 404 -1.85 -21.21 5.95
CA GLU A 404 -1.41 -20.21 6.90
C GLU A 404 -0.29 -19.38 6.30
N PRO A 405 -0.32 -18.05 6.47
CA PRO A 405 0.75 -17.21 5.90
C PRO A 405 2.08 -17.50 6.56
N LEU A 406 3.15 -17.35 5.77
CA LEU A 406 4.50 -17.59 6.26
C LEU A 406 4.88 -16.55 7.31
N LYS A 407 5.96 -16.84 8.03
CA LYS A 407 6.44 -15.96 9.08
C LYS A 407 7.24 -14.81 8.49
N ARG A 408 6.86 -13.58 8.84
CA ARG A 408 7.55 -12.38 8.41
C ARG A 408 8.42 -11.88 9.55
N MET A 409 9.72 -11.75 9.30
CA MET A 409 10.68 -11.42 10.34
C MET A 409 11.61 -10.32 9.84
N PRO A 410 11.78 -9.24 10.60
CA PRO A 410 12.72 -8.19 10.18
C PRO A 410 14.16 -8.65 10.30
N ALA A 411 14.96 -8.28 9.32
CA ALA A 411 16.36 -8.71 9.28
C ALA A 411 17.12 -8.18 10.48
N SER A 412 18.18 -8.90 10.85
CA SER A 412 19.03 -8.49 11.96
C SER A 412 19.54 -7.06 11.74
N VAL A 413 20.21 -6.83 10.61
CA VAL A 413 20.43 -5.50 10.08
C VAL A 413 19.75 -5.44 8.72
N ARG A 414 19.02 -4.36 8.46
CA ARG A 414 18.18 -4.34 7.27
C ARG A 414 18.97 -4.01 6.01
N THR A 415 19.85 -3.01 6.08
CA THR A 415 20.55 -2.51 4.91
C THR A 415 22.05 -2.56 5.13
N VAL A 416 22.79 -2.95 4.10
CA VAL A 416 24.25 -2.98 4.13
C VAL A 416 24.75 -2.02 3.05
N VAL A 417 25.61 -1.08 3.46
CA VAL A 417 26.13 -0.05 2.57
C VAL A 417 27.61 -0.29 2.38
N VAL A 418 28.07 -0.20 1.13
CA VAL A 418 29.51 -0.15 0.87
C VAL A 418 29.81 1.10 0.04
N PRO A 419 30.37 2.14 0.65
CA PRO A 419 30.80 3.31 -0.10
C PRO A 419 32.16 3.07 -0.74
N PRO A 420 32.65 4.01 -1.55
CA PRO A 420 34.02 3.88 -2.06
C PRO A 420 35.02 3.76 -0.92
N PRO A 421 36.22 3.23 -1.19
CA PRO A 421 37.19 3.03 -0.11
C PRO A 421 37.56 4.34 0.57
N GLY A 422 37.47 4.34 1.90
CA GLY A 422 37.82 5.52 2.68
C GLY A 422 36.78 6.61 2.64
N VAL A 423 35.50 6.27 2.71
CA VAL A 423 34.40 7.24 2.71
C VAL A 423 33.52 6.89 3.91
N GLU A 424 33.78 7.54 5.04
CA GLU A 424 32.97 7.34 6.24
C GLU A 424 31.66 8.09 6.11
N LEU A 425 30.56 7.42 6.43
CA LEU A 425 29.23 8.00 6.28
C LEU A 425 28.42 7.78 7.55
N THR A 426 27.48 8.68 7.79
CA THR A 426 26.58 8.58 8.94
C THR A 426 25.36 7.76 8.52
N LEU A 427 25.23 6.56 9.08
CA LEU A 427 24.17 5.64 8.73
C LEU A 427 23.11 5.57 9.82
N PRO A 428 21.85 5.35 9.46
CA PRO A 428 20.83 5.10 10.47
C PRO A 428 21.11 3.80 11.22
N LYS A 429 20.36 3.60 12.31
CA LYS A 429 20.54 2.41 13.14
C LYS A 429 20.17 1.13 12.41
N ASN A 430 19.50 1.22 11.26
CA ASN A 430 19.11 0.05 10.49
C ASN A 430 20.17 -0.41 9.50
N CYS A 431 21.34 0.23 9.48
CA CYS A 431 22.32 0.00 8.44
C CYS A 431 23.66 -0.40 9.03
N GLN A 432 24.60 -0.74 8.15
CA GLN A 432 25.90 -1.29 8.53
C GLN A 432 26.78 -1.34 7.29
N HIS A 433 28.08 -1.26 7.51
CA HIS A 433 29.05 -1.38 6.42
C HIS A 433 29.24 -2.86 6.06
N SER A 434 30.15 -3.10 5.11
CA SER A 434 30.42 -4.47 4.67
C SER A 434 31.03 -5.30 5.79
N ASP A 436 34.36 -6.47 4.52
CA ASP A 436 34.87 -7.63 5.24
C ASP A 436 34.71 -8.90 4.40
N ILE A 437 35.42 -8.94 3.27
CA ILE A 437 35.32 -10.09 2.37
C ILE A 437 35.93 -11.31 3.02
N SER A 438 35.16 -12.39 3.09
CA SER A 438 35.63 -13.63 3.71
C SER A 438 36.61 -14.35 2.78
N GLU A 439 37.23 -15.40 3.33
CA GLU A 439 38.16 -16.20 2.53
C GLU A 439 37.41 -17.04 1.51
N SER A 440 36.27 -17.61 1.90
CA SER A 440 35.45 -18.36 0.94
C SER A 440 34.93 -17.44 -0.16
N THR A 441 34.60 -16.20 0.19
CA THR A 441 34.12 -15.25 -0.81
C THR A 441 35.24 -14.83 -1.75
N ALA A 442 36.43 -14.60 -1.20
CA ALA A 442 37.56 -14.15 -2.02
C ALA A 442 37.98 -15.22 -3.02
N LYS A 443 37.82 -16.50 -2.67
CA LYS A 443 38.12 -17.56 -3.62
C LYS A 443 37.11 -17.61 -4.76
N GLU A 444 35.87 -17.19 -4.50
CA GLU A 444 34.85 -17.17 -5.54
C GLU A 444 35.17 -16.13 -6.60
N VAL A 445 35.64 -14.94 -6.19
CA VAL A 445 35.98 -13.90 -7.14
C VAL A 445 37.15 -14.31 -8.01
N GLN A 446 38.04 -15.16 -7.49
CA GLN A 446 39.22 -15.56 -8.25
C GLN A 446 38.85 -16.50 -9.40
N ARG A 447 38.03 -17.52 -9.12
CA ARG A 447 37.63 -18.44 -10.17
C ARG A 447 36.72 -17.77 -11.19
N ILE A 448 35.93 -16.78 -10.76
CA ILE A 448 35.14 -16.00 -11.71
C ILE A 448 36.05 -15.18 -12.61
N ARG A 449 37.12 -14.62 -12.05
CA ARG A 449 38.08 -13.87 -12.85
C ARG A 449 38.80 -14.77 -13.84
N ASP A 450 39.21 -15.96 -13.40
CA ASP A 450 39.93 -16.89 -14.26
C ASP A 450 38.98 -17.68 -15.15
N LYS A 451 38.03 -17.00 -15.78
CA LYS A 451 37.07 -17.66 -16.65
C LYS A 451 36.42 -16.69 -17.61
N HIS A 452 35.90 -15.57 -17.09
CA HIS A 452 35.20 -14.59 -17.90
C HIS A 452 35.94 -13.27 -18.04
N PHE A 453 36.71 -12.87 -17.04
CA PHE A 453 37.48 -11.63 -17.07
C PHE A 453 38.96 -11.97 -16.84
N HIS A 454 39.57 -12.61 -17.83
CA HIS A 454 40.96 -13.04 -17.69
C HIS A 454 41.89 -11.84 -17.54
N ASP A 455 41.65 -10.78 -18.30
CA ASP A 455 42.48 -9.57 -18.25
C ASP A 455 41.76 -8.53 -17.41
N LEU A 456 41.94 -8.62 -16.09
CA LEU A 456 41.31 -7.68 -15.16
C LEU A 456 42.06 -7.75 -13.84
N THR A 457 42.88 -6.73 -13.57
CA THR A 457 43.66 -6.65 -12.34
C THR A 457 43.75 -5.20 -11.88
N ASP A 458 42.61 -4.54 -11.69
CA ASP A 458 42.59 -3.16 -11.22
C ASP A 458 42.07 -3.05 -9.78
N GLN A 459 42.35 -4.06 -8.96
CA GLN A 459 42.24 -3.99 -7.51
C GLN A 459 40.86 -3.61 -7.00
N ASN A 460 40.54 -2.32 -7.04
CA ASN A 460 39.29 -1.84 -6.45
C ASN A 460 38.07 -2.37 -7.19
N ILE A 461 38.11 -2.34 -8.53
CA ILE A 461 37.04 -2.92 -9.33
C ILE A 461 36.91 -4.41 -9.04
N LEU A 462 38.04 -5.08 -8.79
CA LEU A 462 38.01 -6.49 -8.43
C LEU A 462 37.45 -6.69 -7.03
N ARG A 463 37.73 -5.75 -6.12
CA ARG A 463 37.23 -5.87 -4.76
C ARG A 463 35.75 -5.54 -4.67
N SER A 464 35.24 -4.72 -5.59
CA SER A 464 33.80 -4.47 -5.64
C SER A 464 33.03 -5.74 -5.93
N LEU A 465 33.60 -6.64 -6.74
CA LEU A 465 32.96 -7.93 -7.00
C LEU A 465 32.87 -8.77 -5.74
N GLY A 466 33.85 -8.64 -4.84
CA GLY A 466 33.79 -9.37 -3.59
C GLY A 466 32.69 -8.87 -2.67
N ASN A 467 32.45 -7.56 -2.68
CA ASN A 467 31.39 -6.99 -1.86
C ASN A 467 30.01 -7.40 -2.38
N ILE A 468 29.85 -7.45 -3.71
CA ILE A 468 28.56 -7.82 -4.29
C ILE A 468 28.19 -9.25 -3.88
N ILE A 469 29.16 -10.17 -3.96
CA ILE A 469 28.89 -11.55 -3.57
C ILE A 469 28.66 -11.65 -2.07
N SER A 470 29.39 -10.84 -1.28
CA SER A 470 29.23 -10.87 0.17
C SER A 470 27.83 -10.42 0.56
N VAL A 471 27.36 -9.32 -0.03
CA VAL A 471 26.03 -8.81 0.30
C VAL A 471 24.95 -9.78 -0.17
N LEU A 472 25.08 -10.29 -1.40
CA LEU A 472 24.07 -11.19 -1.93
C LEU A 472 23.98 -12.48 -1.12
N ASP A 473 25.12 -13.00 -0.66
CA ASP A 473 25.10 -14.20 0.16
C ASP A 473 24.38 -13.96 1.48
N ARG A 474 24.52 -12.75 2.04
CA ARG A 474 23.82 -12.41 3.27
C ARG A 474 22.35 -12.09 3.04
N MET A 475 21.97 -11.73 1.82
CA MET A 475 20.58 -11.39 1.54
C MET A 475 19.73 -12.63 1.27
N MET A 476 20.25 -13.55 0.45
N MET A 476 20.25 -13.57 0.47
CA MET A 476 19.48 -14.69 -0.02
CA MET A 476 19.43 -14.69 0.03
C MET A 476 19.57 -15.89 0.92
C MET A 476 19.56 -15.91 0.92
N ARG A 477 20.76 -16.18 1.46
CA ARG A 477 20.95 -17.40 2.23
C ARG A 477 20.41 -17.33 3.66
N SER A 478 20.13 -16.13 4.17
CA SER A 478 19.69 -16.03 5.55
C SER A 478 18.82 -14.79 5.72
N ASP A 479 18.13 -14.72 6.87
CA ASP A 479 17.34 -13.58 7.26
C ASP A 479 18.14 -12.55 8.06
N GLU A 480 19.46 -12.51 7.88
CA GLU A 480 20.29 -11.57 8.61
C GLU A 480 20.28 -10.19 7.97
N VAL A 481 20.37 -10.13 6.65
CA VAL A 481 20.37 -8.89 5.89
C VAL A 481 19.23 -8.92 4.88
N CYS A 482 18.53 -7.80 4.75
CA CYS A 482 17.40 -7.71 3.82
C CYS A 482 17.84 -7.18 2.45
N ASN A 483 18.33 -5.95 2.41
CA ASN A 483 18.73 -5.33 1.15
C ASN A 483 20.09 -4.65 1.35
N GLY A 484 20.61 -4.07 0.28
CA GLY A 484 21.91 -3.41 0.35
C GLY A 484 22.15 -2.54 -0.85
N CYS A 485 23.16 -1.70 -0.73
CA CYS A 485 23.58 -0.81 -1.81
C CYS A 485 25.09 -0.86 -1.95
N VAL A 486 25.56 -0.95 -3.19
CA VAL A 486 26.98 -1.10 -3.50
C VAL A 486 27.37 -0.05 -4.54
N VAL A 487 28.41 0.70 -4.26
CA VAL A 487 28.95 1.68 -5.20
C VAL A 487 30.03 1.02 -6.04
N VAL A 488 29.88 1.09 -7.36
CA VAL A 488 30.80 0.44 -8.29
C VAL A 488 31.37 1.49 -9.24
N SER A 489 32.38 1.09 -10.00
CA SER A 489 33.02 1.93 -11.00
C SER A 489 32.80 1.41 -12.41
N ASP A 490 33.04 0.13 -12.64
CA ASP A 490 32.78 -0.52 -13.92
C ASP A 490 31.45 -1.25 -13.83
N LEU A 491 30.54 -0.95 -14.77
CA LEU A 491 29.20 -1.52 -14.70
C LEU A 491 29.14 -2.95 -15.21
N SER A 492 29.53 -3.15 -16.48
CA SER A 492 29.25 -4.42 -17.17
C SER A 492 29.79 -5.62 -16.40
N VAL A 493 30.95 -5.48 -15.77
CA VAL A 493 31.49 -6.58 -14.98
C VAL A 493 30.73 -6.72 -13.67
N SER A 494 30.32 -5.60 -13.07
CA SER A 494 29.65 -5.64 -11.78
C SER A 494 28.25 -6.21 -11.90
N VAL A 495 27.48 -5.79 -12.91
CA VAL A 495 26.13 -6.29 -13.06
C VAL A 495 26.13 -7.74 -13.50
N GLN A 496 27.18 -8.17 -14.21
CA GLN A 496 27.25 -9.56 -14.65
C GLN A 496 27.49 -10.49 -13.46
N CYS A 497 28.43 -10.12 -12.57
CA CYS A 497 28.68 -10.94 -11.40
C CYS A 497 27.50 -10.94 -10.44
N ALA A 498 26.80 -9.81 -10.33
CA ALA A 498 25.64 -9.75 -9.44
C ALA A 498 24.53 -10.67 -9.93
N LEU A 499 24.18 -10.56 -11.22
CA LEU A 499 23.05 -11.31 -11.75
C LEU A 499 23.36 -12.81 -11.82
N GLN A 500 24.53 -13.16 -12.36
CA GLN A 500 24.87 -14.57 -12.52
C GLN A 500 25.01 -15.28 -11.18
N HIS A 501 25.39 -14.55 -10.13
CA HIS A 501 25.49 -15.16 -8.81
C HIS A 501 24.11 -15.41 -8.20
N ALA A 502 23.15 -14.54 -8.48
CA ALA A 502 21.80 -14.74 -7.96
C ALA A 502 21.04 -15.79 -8.75
N LEU A 503 21.27 -15.89 -10.05
CA LEU A 503 20.59 -16.90 -10.84
C LEU A 503 21.00 -18.31 -10.44
N THR A 504 22.29 -18.52 -10.18
CA THR A 504 22.81 -19.83 -9.76
C THR A 504 22.50 -20.05 -8.29
N GLU A 505 21.21 -20.24 -7.99
CA GLU A 505 20.76 -20.49 -6.63
C GLU A 505 19.64 -21.52 -6.61
N GLU A 508 16.26 -17.65 -8.71
CA GLU A 508 15.19 -18.31 -9.45
C GLU A 508 14.59 -17.35 -10.48
N ARG A 509 14.60 -16.07 -10.15
CA ARG A 509 13.94 -15.05 -10.95
C ARG A 509 14.37 -13.66 -10.46
N VAL A 510 14.88 -12.83 -11.36
CA VAL A 510 15.44 -11.54 -10.98
C VAL A 510 14.81 -10.45 -11.83
N LEU A 511 14.26 -9.43 -11.16
CA LEU A 511 13.82 -8.22 -11.84
C LEU A 511 14.96 -7.21 -11.84
N VAL A 512 15.22 -6.61 -13.00
CA VAL A 512 16.31 -5.65 -13.15
C VAL A 512 15.71 -4.32 -13.60
N VAL A 513 15.89 -3.29 -12.78
CA VAL A 513 15.44 -1.94 -13.09
C VAL A 513 16.70 -1.07 -13.22
N TYR A 514 17.02 -0.69 -14.45
CA TYR A 514 18.26 0.02 -14.75
C TYR A 514 17.94 1.35 -15.42
N VAL A 515 18.46 2.44 -14.85
CA VAL A 515 18.35 3.76 -15.48
C VAL A 515 19.66 4.07 -16.16
N GLY A 516 19.58 4.61 -17.37
CA GLY A 516 20.73 4.85 -18.21
C GLY A 516 20.56 4.24 -19.58
N ASP A 517 21.54 4.51 -20.43
CA ASP A 517 21.49 4.10 -21.83
C ASP A 517 22.55 3.05 -22.12
N GLY A 518 22.48 2.48 -23.32
CA GLY A 518 23.36 1.41 -23.72
C GLY A 518 22.84 0.05 -23.31
N GLU A 519 23.42 -0.98 -23.92
CA GLU A 519 23.05 -2.35 -23.60
C GLU A 519 23.80 -2.84 -22.38
N LEU A 520 23.18 -3.76 -21.65
CA LEU A 520 23.78 -4.34 -20.46
C LEU A 520 23.94 -5.85 -20.64
N PRO A 521 24.94 -6.46 -19.98
CA PRO A 521 25.11 -7.91 -20.10
C PRO A 521 24.01 -8.70 -19.41
N VAL A 522 22.77 -8.52 -19.87
CA VAL A 522 21.59 -9.15 -19.28
C VAL A 522 20.82 -9.83 -20.39
N LYS A 523 20.61 -11.15 -20.27
CA LYS A 523 19.86 -11.92 -21.24
C LYS A 523 18.44 -12.13 -20.73
N THR A 524 17.45 -11.73 -21.55
CA THR A 524 16.04 -11.89 -21.21
C THR A 524 15.37 -12.92 -22.13
N ASN A 525 16.13 -13.90 -22.61
CA ASN A 525 15.58 -14.90 -23.51
C ASN A 525 14.78 -15.95 -22.75
N ASP A 526 15.31 -16.44 -21.62
CA ASP A 526 14.58 -17.38 -20.79
C ASP A 526 13.50 -16.64 -20.02
N GLY A 527 12.89 -17.32 -19.05
CA GLY A 527 11.85 -16.68 -18.25
C GLY A 527 12.30 -16.30 -16.86
N LYS A 528 13.61 -16.10 -16.68
CA LYS A 528 14.17 -15.85 -15.36
C LYS A 528 14.47 -14.38 -15.09
N VAL A 529 14.53 -13.53 -16.12
CA VAL A 529 14.92 -12.14 -15.97
C VAL A 529 13.91 -11.25 -16.68
N PHE A 530 13.48 -10.18 -16.01
CA PHE A 530 12.73 -9.10 -16.64
C PHE A 530 13.52 -7.81 -16.47
N LEU A 531 13.65 -7.04 -17.55
CA LEU A 531 14.46 -5.83 -17.56
C LEU A 531 13.57 -4.62 -17.74
N VAL A 532 13.63 -3.70 -16.77
CA VAL A 532 13.01 -2.39 -16.86
C VAL A 532 14.12 -1.37 -17.07
N GLN A 533 14.06 -0.63 -18.17
CA GLN A 533 15.09 0.34 -18.51
C GLN A 533 14.46 1.72 -18.70
N ILE A 534 14.98 2.71 -17.97
CA ILE A 534 14.61 4.10 -18.14
C ILE A 534 15.79 4.82 -18.76
N CYS A 535 15.61 5.30 -19.99
CA CYS A 535 16.70 5.88 -20.75
C CYS A 535 16.22 7.14 -21.46
N THR A 536 17.13 7.78 -22.20
CA THR A 536 16.82 9.00 -22.93
C THR A 536 16.67 8.78 -24.43
N LYS A 537 17.32 7.75 -24.98
CA LYS A 537 17.23 7.44 -26.40
C LYS A 537 16.19 6.34 -26.60
N GLU A 538 15.28 6.57 -27.55
CA GLU A 538 14.22 5.60 -27.82
C GLU A 538 14.79 4.37 -28.50
N THR A 539 14.50 3.20 -27.95
CA THR A 539 14.97 1.93 -28.51
C THR A 539 13.79 0.97 -28.58
N GLU A 540 13.49 0.51 -29.80
CA GLU A 540 12.39 -0.43 -29.99
C GLU A 540 12.66 -1.72 -29.24
N ASP A 541 11.69 -2.13 -28.41
CA ASP A 541 11.88 -3.30 -27.56
C ASP A 541 11.88 -4.59 -28.38
N LYS A 542 10.75 -4.91 -29.02
CA LYS A 542 10.59 -6.16 -29.76
C LYS A 542 10.82 -7.37 -28.88
N CYS A 543 10.59 -7.22 -27.58
CA CYS A 543 10.74 -8.32 -26.63
C CYS A 543 9.72 -8.14 -25.52
N VAL A 544 9.07 -9.24 -25.13
CA VAL A 544 8.00 -9.15 -24.15
C VAL A 544 8.54 -9.07 -22.73
N ASN A 545 9.73 -9.60 -22.48
CA ASN A 545 10.35 -9.54 -21.15
C ASN A 545 11.16 -8.27 -20.92
N ARG A 546 10.94 -7.23 -21.74
CA ARG A 546 11.66 -5.96 -21.60
C ARG A 546 10.67 -4.81 -21.67
N LEU A 547 10.85 -3.85 -20.77
CA LEU A 547 10.03 -2.63 -20.71
C LEU A 547 10.99 -1.44 -20.74
N THR A 548 11.08 -0.77 -21.88
CA THR A 548 11.97 0.37 -22.05
C THR A 548 11.14 1.66 -22.02
N LEU A 549 11.46 2.54 -21.09
CA LEU A 549 10.77 3.81 -20.90
C LEU A 549 11.69 4.93 -21.36
N CYS A 550 11.32 5.59 -22.46
CA CYS A 550 12.06 6.75 -22.97
C CYS A 550 11.28 8.00 -22.58
N LEU A 551 11.67 8.60 -21.45
CA LEU A 551 11.01 9.80 -20.95
C LEU A 551 11.73 11.03 -21.48
N ARG A 552 11.00 11.87 -22.21
CA ARG A 552 11.60 13.08 -22.77
C ARG A 552 12.01 14.03 -21.66
N GLU A 553 13.20 14.60 -21.80
CA GLU A 553 13.74 15.51 -20.78
C GLU A 553 12.88 16.76 -20.68
N GLY A 554 12.43 17.06 -19.46
CA GLY A 554 11.60 18.22 -19.25
C GLY A 554 11.20 18.32 -17.80
N GLU A 555 10.40 19.36 -17.51
CA GLU A 555 9.94 19.58 -16.15
C GLU A 555 8.94 18.51 -15.71
N SER A 556 8.17 17.97 -16.65
CA SER A 556 7.15 16.97 -16.35
C SER A 556 7.70 15.55 -16.25
N LEU A 557 9.03 15.39 -16.17
CA LEU A 557 9.61 14.06 -16.04
C LEU A 557 9.25 13.40 -14.72
N THR A 558 8.91 14.18 -13.70
CA THR A 558 8.54 13.60 -12.42
C THR A 558 7.14 12.98 -12.48
N ALA A 559 6.19 13.69 -13.09
CA ALA A 559 4.85 13.13 -13.23
C ALA A 559 4.83 11.97 -14.22
N GLY A 560 5.70 11.99 -15.22
CA GLY A 560 5.74 10.91 -16.18
C GLY A 560 6.28 9.62 -15.57
N PHE A 561 7.35 9.73 -14.78
CA PHE A 561 7.93 8.54 -14.16
C PHE A 561 6.98 7.94 -13.14
N MET A 562 6.24 8.78 -12.40
CA MET A 562 5.32 8.27 -11.40
C MET A 562 4.16 7.51 -12.04
N GLN A 563 3.70 7.99 -13.20
CA GLN A 563 2.61 7.28 -13.88
C GLN A 563 3.09 5.94 -14.42
N ALA A 564 4.31 5.90 -14.96
CA ALA A 564 4.86 4.63 -15.44
C ALA A 564 5.14 3.67 -14.30
N LEU A 565 5.56 4.19 -13.13
CA LEU A 565 5.83 3.34 -11.99
C LEU A 565 4.56 2.68 -11.49
N LEU A 566 3.48 3.44 -11.34
CA LEU A 566 2.24 2.90 -10.80
C LEU A 566 1.46 2.10 -11.84
N GLY A 567 1.50 2.52 -13.09
CA GLY A 567 0.66 1.92 -14.11
C GLY A 567 1.33 0.87 -14.97
N LEU A 568 2.66 0.79 -14.94
CA LEU A 568 3.38 -0.15 -15.79
C LEU A 568 4.39 -0.97 -15.01
N ILE A 569 5.32 -0.30 -14.33
CA ILE A 569 6.44 -1.00 -13.68
C ILE A 569 5.92 -1.91 -12.57
N LEU A 570 5.15 -1.37 -11.63
CA LEU A 570 4.63 -2.18 -10.55
C LEU A 570 3.72 -3.31 -11.01
N PRO A 571 2.77 -3.12 -11.94
CA PRO A 571 1.94 -4.25 -12.36
C PRO A 571 2.72 -5.41 -12.94
N VAL A 572 3.76 -5.15 -13.75
CA VAL A 572 4.52 -6.27 -14.30
C VAL A 572 5.43 -6.88 -13.25
N ALA A 573 5.96 -6.06 -12.34
CA ALA A 573 6.85 -6.60 -11.30
C ALA A 573 6.09 -7.53 -10.37
N TYR A 574 4.84 -7.20 -10.05
CA TYR A 574 4.07 -8.04 -9.13
C TYR A 574 3.68 -9.36 -9.77
N GLU A 575 3.34 -9.33 -11.07
CA GLU A 575 3.02 -10.58 -11.76
C GLU A 575 4.28 -11.41 -12.00
N PHE A 576 5.40 -10.75 -12.28
CA PHE A 576 6.66 -11.46 -12.48
C PHE A 576 7.08 -12.22 -11.22
N ASN A 577 6.85 -11.61 -10.06
CA ASN A 577 7.16 -12.19 -8.75
C ASN A 577 8.63 -12.63 -8.69
N PRO A 578 9.57 -11.68 -8.60
CA PRO A 578 10.99 -12.06 -8.58
C PRO A 578 11.44 -12.47 -7.18
N ALA A 579 12.59 -13.14 -7.15
CA ALA A 579 13.25 -13.45 -5.89
C ALA A 579 14.31 -12.42 -5.52
N LEU A 580 14.64 -11.50 -6.43
CA LEU A 580 15.62 -10.47 -6.17
C LEU A 580 15.39 -9.32 -7.14
N VAL A 581 15.50 -8.09 -6.62
CA VAL A 581 15.45 -6.88 -7.43
C VAL A 581 16.86 -6.32 -7.54
N LEU A 582 17.29 -6.05 -8.76
CA LEU A 582 18.62 -5.48 -9.02
C LEU A 582 18.46 -4.11 -9.66
N GLY A 583 18.71 -3.07 -8.89
CA GLY A 583 18.67 -1.71 -9.40
C GLY A 583 20.06 -1.25 -9.82
N ILE A 584 20.11 -0.59 -10.98
CA ILE A 584 21.36 -0.11 -11.56
C ILE A 584 21.18 1.33 -12.00
N VAL A 585 22.13 2.19 -11.60
CA VAL A 585 22.11 3.61 -11.95
C VAL A 585 23.48 3.95 -12.51
N GLU A 586 23.55 4.27 -13.80
CA GLU A 586 24.82 4.66 -14.39
C GLU A 586 25.22 6.06 -13.91
N GLU A 587 26.51 6.36 -14.05
CA GLU A 587 27.04 7.62 -13.51
C GLU A 587 26.43 8.82 -14.20
N THR A 588 26.26 8.75 -15.53
CA THR A 588 25.63 9.83 -16.28
C THR A 588 24.11 9.78 -16.14
N ALA A 589 23.67 9.89 -14.89
CA ALA A 589 22.26 9.79 -14.56
C ALA A 589 21.50 11.04 -14.98
N ARG A 593 17.14 15.13 -12.13
CA ARG A 593 15.91 14.53 -12.63
C ARG A 593 15.62 13.21 -11.92
N LEU A 594 16.65 12.37 -11.82
CA LEU A 594 16.51 11.09 -11.14
C LEU A 594 16.33 11.27 -9.64
N MET A 595 16.81 12.38 -9.08
CA MET A 595 16.84 12.55 -7.63
C MET A 595 15.45 12.60 -7.02
N ARG A 596 14.47 13.13 -7.76
CA ARG A 596 13.17 13.39 -7.14
C ARG A 596 12.35 12.11 -6.96
N VAL A 597 12.55 11.12 -7.81
CA VAL A 597 11.67 9.95 -7.83
C VAL A 597 12.35 8.66 -7.36
N TRP A 598 13.68 8.65 -7.22
CA TRP A 598 14.35 7.40 -6.89
C TRP A 598 13.94 6.87 -5.51
N GLY A 599 13.62 7.76 -4.58
CA GLY A 599 13.19 7.32 -3.26
C GLY A 599 11.85 6.61 -3.28
N HIS A 600 10.91 7.12 -4.08
CA HIS A 600 9.60 6.50 -4.16
C HIS A 600 9.67 5.12 -4.81
N MET A 601 10.47 4.98 -5.87
CA MET A 601 10.63 3.70 -6.52
C MET A 601 11.27 2.67 -5.58
N THR A 602 12.31 3.08 -4.87
CA THR A 602 13.01 2.14 -3.99
C THR A 602 12.09 1.64 -2.88
N CYS A 603 11.20 2.50 -2.38
CA CYS A 603 10.28 2.08 -1.33
C CYS A 603 9.20 1.16 -1.90
N LEU A 604 8.55 1.59 -2.99
CA LEU A 604 7.44 0.81 -3.55
C LEU A 604 7.93 -0.54 -4.09
N ILE A 605 9.08 -0.55 -4.76
CA ILE A 605 9.59 -1.80 -5.34
C ILE A 605 10.03 -2.81 -4.29
N GLN A 606 10.14 -2.39 -3.02
CA GLN A 606 10.46 -3.34 -1.97
C GLN A 606 9.29 -4.26 -1.62
N GLY A 607 8.12 -4.06 -2.22
CA GLY A 607 7.05 -5.02 -2.10
C GLY A 607 7.31 -6.32 -2.83
N LEU A 608 8.26 -6.32 -3.75
CA LEU A 608 8.66 -7.52 -4.48
C LEU A 608 9.84 -8.19 -3.80
N ALA A 609 9.96 -9.50 -4.02
CA ALA A 609 11.15 -10.27 -3.64
C ALA A 609 11.44 -10.18 -2.15
N ARG A 610 10.38 -10.16 -1.33
CA ARG A 610 10.51 -10.07 0.12
C ARG A 610 11.34 -8.87 0.57
N GLY A 611 11.47 -7.87 -0.30
CA GLY A 611 12.28 -6.70 -0.02
C GLY A 611 13.75 -6.84 -0.35
N ARG A 612 14.19 -8.00 -0.83
CA ARG A 612 15.61 -8.23 -1.13
C ARG A 612 15.96 -7.49 -2.41
N MET A 613 16.60 -6.32 -2.27
CA MET A 613 16.99 -5.50 -3.40
C MET A 613 18.45 -5.10 -3.27
N LEU A 614 19.20 -5.28 -4.35
CA LEU A 614 20.60 -4.86 -4.42
C LEU A 614 20.72 -3.75 -5.45
N THR A 615 21.19 -2.58 -5.01
CA THR A 615 21.32 -1.41 -5.86
C THR A 615 22.79 -1.14 -6.16
N LEU A 616 23.12 -1.03 -7.44
CA LEU A 616 24.48 -0.74 -7.90
C LEU A 616 24.50 0.68 -8.45
N LEU A 617 25.18 1.58 -7.75
CA LEU A 617 25.34 2.96 -8.18
C LEU A 617 26.72 3.14 -8.79
N GLN A 618 26.77 3.54 -10.06
CA GLN A 618 28.03 3.79 -10.73
C GLN A 618 28.50 5.21 -10.39
N GLY A 619 29.70 5.32 -9.83
CA GLY A 619 30.22 6.59 -9.37
C GLY A 619 29.68 6.94 -8.00
N TYR A 620 30.29 7.97 -7.40
CA TYR A 620 29.93 8.42 -6.07
C TYR A 620 29.07 9.67 -6.15
N ASP A 621 27.85 9.57 -5.62
CA ASP A 621 26.97 10.72 -5.42
C ASP A 621 26.46 10.64 -3.99
N LYS A 622 26.96 11.54 -3.13
CA LYS A 622 26.60 11.48 -1.72
C LYS A 622 25.09 11.63 -1.52
N ASP A 623 24.45 12.48 -2.33
CA ASP A 623 23.01 12.67 -2.20
C ASP A 623 22.25 11.43 -2.67
N LEU A 624 22.65 10.86 -3.81
CA LEU A 624 21.93 9.71 -4.35
C LEU A 624 22.12 8.49 -3.46
N LEU A 625 23.32 8.33 -2.87
CA LEU A 625 23.56 7.18 -2.00
C LEU A 625 22.81 7.32 -0.68
N GLU A 626 22.77 8.53 -0.13
CA GLU A 626 22.01 8.76 1.10
C GLU A 626 20.51 8.56 0.86
N LEU A 627 20.01 9.01 -0.29
CA LEU A 627 18.60 8.80 -0.62
C LEU A 627 18.29 7.33 -0.82
N THR A 628 19.20 6.60 -1.48
CA THR A 628 19.00 5.17 -1.70
C THR A 628 19.01 4.40 -0.40
N VAL A 629 19.98 4.69 0.47
CA VAL A 629 20.09 3.96 1.74
C VAL A 629 18.91 4.27 2.65
N SER A 630 18.45 5.52 2.66
CA SER A 630 17.33 5.89 3.52
C SER A 630 16.06 5.15 3.12
N ALA A 631 15.81 5.02 1.82
CA ALA A 631 14.62 4.29 1.37
C ALA A 631 14.79 2.80 1.59
N LEU A 632 16.00 2.28 1.37
CA LEU A 632 16.25 0.86 1.60
C LEU A 632 16.08 0.49 3.07
N SER A 633 16.45 1.39 3.98
CA SER A 633 16.39 1.12 5.41
C SER A 633 14.98 1.22 5.98
N GLY A 634 13.99 1.64 5.18
CA GLY A 634 12.63 1.73 5.65
C GLY A 634 12.23 3.08 6.20
N ALA A 635 13.06 4.10 6.04
CA ALA A 635 12.71 5.43 6.52
C ALA A 635 11.61 6.04 5.66
N SER A 636 10.96 7.06 6.20
CA SER A 636 9.94 7.78 5.45
C SER A 636 10.59 8.68 4.40
N ILE A 637 9.89 8.85 3.28
CA ILE A 637 10.40 9.60 2.13
C ILE A 637 9.65 10.91 2.04
N SER A 638 10.34 11.96 1.62
CA SER A 638 9.73 13.26 1.46
C SER A 638 8.71 13.22 0.31
N PRO A 639 7.55 13.87 0.47
CA PRO A 639 6.54 13.84 -0.59
C PRO A 639 7.01 14.62 -1.82
N LEU A 640 6.38 14.30 -2.95
CA LEU A 640 6.69 14.99 -4.20
C LEU A 640 5.95 16.33 -4.32
N GLY A 641 4.84 16.49 -3.61
CA GLY A 641 4.07 17.71 -3.67
C GLY A 641 3.33 17.85 -4.98
N PRO A 642 3.55 18.98 -5.67
CA PRO A 642 2.92 19.24 -6.98
C PRO A 642 3.42 18.28 -8.06
N ARG A 644 1.11 16.93 -10.52
CA ARG A 644 0.87 17.71 -11.73
C ARG A 644 0.33 16.86 -12.87
N ALA A 645 0.66 17.26 -14.09
CA ALA A 645 0.25 16.55 -15.30
C ALA A 645 1.46 16.29 -16.18
N PRO A 646 1.55 15.11 -16.78
CA PRO A 646 2.68 14.78 -17.65
C PRO A 646 2.43 15.18 -19.10
N LYS A 647 3.48 15.06 -19.90
CA LYS A 647 3.38 15.43 -21.30
C LYS A 647 2.59 14.39 -22.08
N PRO A 648 1.77 14.80 -23.06
CA PRO A 648 0.99 13.82 -23.83
C PRO A 648 1.86 12.85 -24.61
N GLU A 649 3.06 13.27 -25.03
CA GLU A 649 3.96 12.34 -25.71
C GLU A 649 4.40 11.22 -24.80
N ASP A 650 4.52 11.49 -23.50
CA ASP A 650 4.92 10.45 -22.55
C ASP A 650 3.80 9.46 -22.31
N VAL A 651 2.58 9.96 -22.06
CA VAL A 651 1.43 9.09 -21.87
C VAL A 651 1.17 8.27 -23.13
N GLU A 652 1.39 8.87 -24.29
CA GLU A 652 1.27 8.13 -25.55
C GLU A 652 2.30 7.00 -25.60
N MET A 653 3.54 7.28 -25.18
CA MET A 653 4.58 6.25 -25.18
C MET A 653 4.25 5.16 -24.18
N MET A 654 3.72 5.53 -23.01
CA MET A 654 3.44 4.54 -21.97
C MET A 654 2.29 3.63 -22.36
N GLU A 655 1.24 4.19 -22.95
CA GLU A 655 0.10 3.37 -23.35
C GLU A 655 0.45 2.44 -24.50
N LYS A 656 1.41 2.83 -25.35
CA LYS A 656 1.90 1.90 -26.36
C LYS A 656 2.65 0.73 -25.73
N GLN A 657 3.36 0.98 -24.62
CA GLN A 657 4.01 -0.10 -23.90
C GLN A 657 2.98 -1.06 -23.31
N ARG A 658 1.87 -0.53 -22.77
CA ARG A 658 0.86 -1.39 -22.20
C ARG A 658 0.17 -2.23 -23.27
N GLN A 659 -0.13 -1.62 -24.43
CA GLN A 659 -0.73 -2.37 -25.53
C GLN A 659 0.18 -3.51 -25.99
N ARG A 660 1.50 -3.34 -25.85
CA ARG A 660 2.44 -4.34 -26.31
C ARG A 660 2.67 -5.45 -25.29
N LEU A 661 2.36 -5.21 -24.01
CA LEU A 661 2.69 -6.16 -22.96
C LEU A 661 1.48 -6.74 -22.23
N GLN A 662 0.30 -6.12 -22.32
CA GLN A 662 -0.82 -6.54 -21.49
C GLN A 662 -1.35 -7.91 -21.85
N GLU A 663 -1.02 -8.43 -23.04
CA GLU A 663 -1.47 -9.77 -23.40
C GLU A 663 -0.65 -10.85 -22.72
N ARG A 664 0.62 -10.56 -22.40
CA ARG A 664 1.44 -11.48 -21.61
C ARG A 664 1.29 -11.23 -20.12
N TRP A 665 1.31 -9.97 -19.71
CA TRP A 665 1.19 -9.57 -18.31
C TRP A 665 -0.18 -8.93 -18.11
N GLY A 666 -1.17 -9.76 -17.76
CA GLY A 666 -2.54 -9.30 -17.66
C GLY A 666 -2.79 -8.26 -16.60
N LEU A 667 -1.94 -8.21 -15.56
CA LEU A 667 -2.10 -7.21 -14.51
C LEU A 667 -1.97 -5.78 -15.02
N LEU A 668 -1.49 -5.60 -16.24
CA LEU A 668 -1.42 -4.28 -16.86
C LEU A 668 -2.77 -3.80 -17.38
N ARG A 669 -3.72 -4.71 -17.57
CA ARG A 669 -5.00 -4.35 -18.17
CA ARG A 669 -4.99 -4.35 -18.18
C ARG A 669 -5.81 -3.47 -17.23
N CYS A 670 -6.36 -2.39 -17.77
CA CYS A 670 -7.27 -1.52 -17.03
C CYS A 670 -8.57 -1.29 -17.79
N THR A 671 -8.79 -2.05 -18.87
CA THR A 671 -10.05 -2.07 -19.60
C THR A 671 -10.42 -3.53 -19.87
N VAL A 672 -11.65 -3.75 -20.30
CA VAL A 672 -12.09 -5.10 -20.65
C VAL A 672 -11.51 -5.47 -22.01
N SER A 673 -10.97 -6.68 -22.10
CA SER A 673 -10.33 -7.12 -23.33
C SER A 673 -11.36 -7.34 -24.43
N GLU A 674 -10.93 -7.12 -25.67
CA GLU A 674 -11.79 -7.34 -26.82
C GLU A 674 -11.86 -8.83 -27.14
N SER A 675 -13.08 -9.34 -27.25
CA SER A 675 -13.29 -10.74 -27.59
C SER A 675 -13.48 -10.90 -29.09
N TRP A 676 -12.90 -11.97 -29.65
CA TRP A 676 -12.97 -12.23 -31.08
C TRP A 676 -14.42 -12.47 -31.52
#